data_2KHC
#
_entry.id   2KHC
#
_entity_poly.entity_id   1
_entity_poly.type   'polypeptide(L)'
_entity_poly.pdbx_seq_one_letter_code
;AAGLPQFGSASALSTSPLASVALSAAAAAAAGKQIEGPEGCNLFIYHLPQEFTDTDLASTFLPFGNVISAKVFIDKQTSL
SKCFGFVSFDNPDSAQVAIKAMNGFQVGTKRLKVQLKK
;
_entity_poly.pdbx_strand_id   A
#
# COMPACT_ATOMS: atom_id res chain seq x y z
N ALA A 1 -34.67 19.75 -11.75
CA ALA A 1 -33.56 19.57 -12.69
C ALA A 1 -33.81 18.38 -13.61
N ALA A 2 -33.05 18.32 -14.70
CA ALA A 2 -33.20 17.24 -15.67
C ALA A 2 -32.93 15.89 -15.02
N GLY A 3 -32.07 15.88 -14.00
CA GLY A 3 -31.74 14.65 -13.31
C GLY A 3 -30.50 13.99 -13.87
N LEU A 4 -29.59 14.79 -14.41
CA LEU A 4 -28.35 14.28 -14.99
C LEU A 4 -27.13 14.90 -14.32
N PRO A 5 -26.54 14.20 -13.34
CA PRO A 5 -25.38 14.69 -12.60
C PRO A 5 -24.07 14.13 -13.12
N GLN A 6 -22.98 14.82 -12.82
CA GLN A 6 -21.67 14.37 -13.25
C GLN A 6 -20.89 13.76 -12.08
N PHE A 7 -20.48 12.51 -12.25
CA PHE A 7 -19.73 11.81 -11.21
C PHE A 7 -18.36 11.37 -11.73
N GLY A 8 -17.61 10.66 -10.89
CA GLY A 8 -16.29 10.20 -11.28
C GLY A 8 -15.18 10.94 -10.56
N SER A 9 -15.45 12.19 -10.19
CA SER A 9 -14.46 13.01 -9.49
C SER A 9 -15.04 13.56 -8.19
N ALA A 10 -14.19 13.64 -7.17
CA ALA A 10 -14.61 14.14 -5.86
C ALA A 10 -14.69 15.67 -5.87
N SER A 11 -15.87 16.20 -5.56
CA SER A 11 -16.09 17.63 -5.53
C SER A 11 -15.84 18.18 -4.13
N ALA A 12 -15.70 19.51 -4.03
CA ALA A 12 -15.48 20.16 -2.74
C ALA A 12 -16.77 20.28 -1.96
N LEU A 13 -16.67 20.09 -0.64
CA LEU A 13 -17.84 20.18 0.22
C LEU A 13 -17.80 21.46 1.05
N SER A 14 -18.67 22.41 0.71
CA SER A 14 -18.73 23.69 1.42
C SER A 14 -19.55 23.56 2.69
N THR A 15 -19.45 24.55 3.57
CA THR A 15 -20.19 24.54 4.83
C THR A 15 -21.52 25.27 4.67
N SER A 16 -22.45 24.99 5.58
CA SER A 16 -23.77 25.61 5.54
C SER A 16 -24.18 26.10 6.92
N PRO A 17 -25.05 27.13 6.98
CA PRO A 17 -25.52 27.69 8.25
C PRO A 17 -26.18 26.65 9.14
N LEU A 18 -26.61 25.54 8.54
CA LEU A 18 -27.25 24.47 9.28
C LEU A 18 -26.47 24.10 10.54
N ALA A 19 -25.15 24.17 10.45
CA ALA A 19 -24.28 23.86 11.58
C ALA A 19 -24.53 22.44 12.08
N SER A 20 -23.70 22.00 13.03
CA SER A 20 -23.83 20.67 13.60
C SER A 20 -23.69 19.60 12.52
N VAL A 21 -22.45 19.22 12.22
CA VAL A 21 -22.18 18.21 11.21
C VAL A 21 -21.51 16.99 11.82
N ALA A 22 -22.00 15.81 11.46
CA ALA A 22 -21.45 14.55 11.97
C ALA A 22 -20.11 14.24 11.31
N LEU A 23 -19.08 14.06 12.14
CA LEU A 23 -17.75 13.75 11.63
C LEU A 23 -17.45 12.26 11.76
N SER A 24 -16.96 11.67 10.68
CA SER A 24 -16.64 10.25 10.68
C SER A 24 -15.26 10.01 10.06
N ALA A 25 -14.56 9.00 10.56
CA ALA A 25 -13.23 8.66 10.06
C ALA A 25 -13.31 7.68 8.89
N ALA A 26 -12.53 7.94 7.85
CA ALA A 26 -12.51 7.09 6.67
C ALA A 26 -11.11 6.57 6.39
N ALA A 27 -11.03 5.33 5.90
CA ALA A 27 -9.74 4.72 5.59
C ALA A 27 -9.52 4.65 4.08
N ALA A 28 -8.87 5.68 3.54
CA ALA A 28 -8.59 5.74 2.11
C ALA A 28 -7.73 4.56 1.67
N ALA A 29 -7.90 4.16 0.41
CA ALA A 29 -7.13 3.03 -0.14
C ALA A 29 -6.18 3.51 -1.22
N ALA A 30 -4.98 3.91 -0.83
CA ALA A 30 -3.98 4.38 -1.78
C ALA A 30 -2.87 3.36 -1.97
N ALA A 31 -2.49 3.12 -3.22
CA ALA A 31 -1.44 2.15 -3.52
C ALA A 31 -0.10 2.86 -3.75
N GLY A 32 0.89 2.52 -2.94
CA GLY A 32 2.21 3.12 -3.05
C GLY A 32 2.65 3.45 -4.47
N LYS A 33 2.22 2.67 -5.47
CA LYS A 33 2.66 2.91 -6.84
C LYS A 33 1.57 2.65 -7.90
N GLN A 34 2.04 2.56 -9.15
CA GLN A 34 1.20 2.35 -10.32
C GLN A 34 0.08 1.32 -10.13
N ILE A 35 -0.89 1.35 -11.06
CA ILE A 35 -2.04 0.44 -11.06
C ILE A 35 -1.61 -1.02 -11.21
N GLU A 36 -2.56 -1.93 -11.01
CA GLU A 36 -2.28 -3.37 -11.07
C GLU A 36 -1.88 -3.86 -12.46
N GLY A 37 -1.18 -4.99 -12.46
CA GLY A 37 -0.72 -5.61 -13.69
C GLY A 37 -0.74 -7.14 -13.60
N PRO A 38 -0.12 -7.86 -14.56
CA PRO A 38 -0.08 -9.33 -14.54
C PRO A 38 0.64 -9.89 -13.31
N GLU A 39 -0.09 -10.64 -12.51
CA GLU A 39 0.46 -11.24 -11.28
C GLU A 39 1.43 -12.37 -11.56
N GLY A 40 2.12 -12.82 -10.50
CA GLY A 40 3.09 -13.90 -10.62
C GLY A 40 4.44 -13.56 -10.02
N CYS A 41 4.63 -12.29 -9.67
CA CYS A 41 5.86 -11.77 -9.12
C CYS A 41 5.53 -11.11 -7.78
N ASN A 42 4.55 -11.59 -7.04
CA ASN A 42 4.11 -10.83 -5.88
C ASN A 42 4.74 -11.32 -4.61
N LEU A 43 4.78 -10.42 -3.64
CA LEU A 43 5.44 -10.67 -2.39
C LEU A 43 4.60 -10.16 -1.23
N PHE A 44 4.58 -10.93 -0.16
CA PHE A 44 3.87 -10.59 1.05
C PHE A 44 4.89 -10.57 2.16
N ILE A 45 5.08 -9.42 2.78
CA ILE A 45 6.09 -9.33 3.80
C ILE A 45 5.48 -8.92 5.10
N TYR A 46 6.02 -9.36 6.22
CA TYR A 46 5.46 -8.87 7.47
C TYR A 46 6.51 -8.73 8.57
N HIS A 47 7.03 -7.53 8.78
CA HIS A 47 7.87 -7.36 9.94
C HIS A 47 7.56 -6.16 10.84
N LEU A 48 7.23 -5.03 10.21
CA LEU A 48 7.13 -3.77 10.95
C LEU A 48 5.80 -3.08 11.10
N PRO A 49 5.73 -2.23 12.15
CA PRO A 49 4.59 -1.40 12.49
C PRO A 49 4.01 -0.65 11.29
N GLN A 50 2.90 0.02 11.58
CA GLN A 50 2.16 0.80 10.61
C GLN A 50 3.03 1.75 9.80
N GLU A 51 4.20 2.11 10.33
CA GLU A 51 5.08 3.04 9.64
C GLU A 51 5.65 2.42 8.37
N PHE A 52 5.49 1.12 8.22
CA PHE A 52 6.00 0.43 7.05
C PHE A 52 5.15 0.76 5.82
N THR A 53 5.76 1.44 4.84
CA THR A 53 5.04 1.80 3.62
C THR A 53 5.42 0.89 2.47
N ASP A 54 4.46 0.69 1.59
CA ASP A 54 4.64 -0.15 0.43
C ASP A 54 5.55 0.48 -0.61
N THR A 55 5.60 1.81 -0.62
CA THR A 55 6.40 2.50 -1.61
C THR A 55 7.90 2.24 -1.46
N ASP A 56 8.38 2.00 -0.25
CA ASP A 56 9.80 1.73 -0.05
C ASP A 56 10.21 0.41 -0.69
N LEU A 57 9.41 -0.62 -0.46
CA LEU A 57 9.69 -1.94 -1.01
C LEU A 57 9.64 -1.93 -2.55
N ALA A 58 8.56 -1.35 -3.11
CA ALA A 58 8.40 -1.25 -4.55
C ALA A 58 9.62 -0.59 -5.20
N SER A 59 10.03 0.54 -4.67
CA SER A 59 11.17 1.28 -5.19
C SER A 59 12.45 0.44 -5.22
N THR A 60 12.70 -0.29 -4.14
CA THR A 60 13.92 -1.11 -4.02
C THR A 60 13.99 -2.19 -5.12
N PHE A 61 12.96 -3.03 -5.19
CA PHE A 61 12.84 -4.10 -6.19
C PHE A 61 12.47 -3.62 -7.59
N LEU A 62 12.26 -2.31 -7.75
CA LEU A 62 11.67 -1.74 -8.97
C LEU A 62 12.05 -2.43 -10.28
N PRO A 63 13.25 -3.02 -10.52
CA PRO A 63 13.42 -3.75 -11.79
C PRO A 63 12.09 -4.49 -12.06
N PHE A 64 11.44 -4.82 -10.93
CA PHE A 64 10.10 -5.41 -10.81
C PHE A 64 9.02 -4.60 -11.58
N GLY A 65 9.20 -4.44 -12.89
CA GLY A 65 8.34 -3.62 -13.74
C GLY A 65 7.01 -3.21 -13.14
N ASN A 66 5.90 -3.48 -13.80
CA ASN A 66 4.61 -2.95 -13.31
C ASN A 66 4.53 -3.05 -11.80
N VAL A 67 4.62 -1.90 -11.14
CA VAL A 67 4.64 -1.85 -9.69
C VAL A 67 3.33 -1.41 -9.05
N ILE A 68 2.70 -2.35 -8.34
CA ILE A 68 1.44 -2.06 -7.62
C ILE A 68 1.66 -2.26 -6.14
N SER A 69 1.77 -1.22 -5.33
CA SER A 69 2.03 -1.44 -3.90
C SER A 69 0.91 -0.98 -2.98
N ALA A 70 0.70 -1.76 -1.92
CA ALA A 70 -0.31 -1.51 -0.89
C ALA A 70 0.29 -1.74 0.50
N LYS A 71 -0.33 -1.25 1.58
CA LYS A 71 0.24 -1.44 2.93
C LYS A 71 -0.79 -1.87 4.00
N VAL A 72 -0.30 -2.64 4.98
CA VAL A 72 -1.14 -3.15 6.10
C VAL A 72 -0.50 -2.84 7.48
N PHE A 73 -1.04 -1.77 8.09
CA PHE A 73 -0.58 -1.30 9.41
C PHE A 73 -1.32 -1.98 10.56
N ILE A 74 -0.56 -2.43 11.57
CA ILE A 74 -1.16 -3.10 12.72
C ILE A 74 -0.69 -2.51 14.07
N ASP A 75 -1.66 -2.12 14.88
CA ASP A 75 -1.42 -1.56 16.22
C ASP A 75 -2.68 -1.79 17.05
N LYS A 76 -2.57 -2.40 18.24
CA LYS A 76 -3.79 -2.66 19.01
C LYS A 76 -4.59 -1.38 19.13
N GLN A 77 -4.12 -0.42 19.91
CA GLN A 77 -4.80 0.85 19.94
C GLN A 77 -4.00 1.90 19.19
N THR A 78 -2.92 2.35 19.83
CA THR A 78 -2.01 3.31 19.25
C THR A 78 -0.54 2.95 19.52
N SER A 79 -0.34 2.22 20.62
CA SER A 79 1.00 1.94 21.12
C SER A 79 1.67 0.65 20.68
N LEU A 80 1.08 -0.12 19.79
CA LEU A 80 1.72 -1.36 19.39
C LEU A 80 2.30 -1.25 18.00
N SER A 81 3.61 -1.45 17.87
CA SER A 81 4.25 -1.35 16.58
C SER A 81 4.74 -2.69 16.05
N LYS A 82 3.86 -3.36 15.32
CA LYS A 82 4.15 -4.62 14.66
C LYS A 82 3.36 -4.62 13.36
N CYS A 83 3.94 -4.89 12.19
CA CYS A 83 3.06 -4.87 11.00
C CYS A 83 3.67 -5.39 9.71
N PHE A 84 2.82 -5.46 8.67
CA PHE A 84 3.26 -5.97 7.42
C PHE A 84 2.79 -5.12 6.26
N GLY A 85 3.45 -5.32 5.16
CA GLY A 85 3.14 -4.64 3.94
C GLY A 85 2.87 -5.63 2.82
N PHE A 86 2.10 -5.19 1.83
CA PHE A 86 1.81 -6.03 0.68
C PHE A 86 2.39 -5.41 -0.55
N VAL A 87 2.88 -6.22 -1.44
CA VAL A 87 3.41 -5.72 -2.67
C VAL A 87 3.03 -6.64 -3.80
N SER A 88 2.85 -6.08 -4.97
CA SER A 88 2.44 -6.83 -6.13
C SER A 88 3.28 -6.50 -7.36
N PHE A 89 4.12 -7.46 -7.77
CA PHE A 89 4.97 -7.29 -8.94
C PHE A 89 4.39 -8.00 -10.15
N ASP A 90 4.31 -7.23 -11.22
CA ASP A 90 3.85 -7.68 -12.52
C ASP A 90 4.93 -7.40 -13.56
N ASN A 91 5.85 -8.36 -13.69
CA ASN A 91 6.92 -8.29 -14.64
C ASN A 91 7.49 -9.68 -14.89
N PRO A 92 8.55 -9.79 -15.71
CA PRO A 92 9.21 -11.06 -15.94
C PRO A 92 9.78 -11.58 -14.61
N ASP A 93 10.40 -12.74 -14.64
CA ASP A 93 10.98 -13.32 -13.44
C ASP A 93 11.84 -12.32 -12.69
N SER A 94 12.30 -11.28 -13.39
CA SER A 94 13.14 -10.26 -12.77
C SER A 94 12.51 -9.74 -11.47
N ALA A 95 11.19 -9.48 -11.48
CA ALA A 95 10.51 -9.05 -10.28
C ALA A 95 10.58 -10.15 -9.24
N GLN A 96 10.46 -11.40 -9.72
CA GLN A 96 10.53 -12.55 -8.84
C GLN A 96 11.87 -12.55 -8.10
N VAL A 97 12.93 -12.31 -8.86
CA VAL A 97 14.27 -12.25 -8.30
C VAL A 97 14.36 -11.17 -7.23
N ALA A 98 13.60 -10.10 -7.42
CA ALA A 98 13.57 -9.00 -6.48
C ALA A 98 13.02 -9.45 -5.13
N ILE A 99 12.02 -10.32 -5.19
CA ILE A 99 11.35 -10.82 -3.98
C ILE A 99 12.15 -11.84 -3.18
N LYS A 100 12.73 -12.83 -3.84
CA LYS A 100 13.46 -13.88 -3.14
C LYS A 100 14.79 -13.38 -2.61
N ALA A 101 15.48 -12.62 -3.45
CA ALA A 101 16.78 -12.11 -3.12
C ALA A 101 16.74 -10.93 -2.15
N MET A 102 15.59 -10.26 -2.01
CA MET A 102 15.57 -9.08 -1.16
C MET A 102 14.44 -8.98 -0.12
N ASN A 103 14.89 -8.78 1.12
CA ASN A 103 14.05 -8.50 2.28
C ASN A 103 13.38 -7.17 1.99
N GLY A 104 12.31 -6.78 2.68
CA GLY A 104 11.68 -5.54 2.28
C GLY A 104 11.65 -4.45 3.31
N PHE A 105 11.80 -4.74 4.60
CA PHE A 105 11.85 -3.60 5.52
C PHE A 105 12.95 -3.65 6.56
N GLN A 106 13.89 -2.72 6.39
CA GLN A 106 14.98 -2.50 7.31
C GLN A 106 14.71 -1.30 8.20
N VAL A 107 14.81 -1.52 9.45
CA VAL A 107 14.66 -0.47 10.44
C VAL A 107 15.94 -0.49 11.27
N GLY A 108 16.32 0.60 11.92
CA GLY A 108 17.60 0.56 12.62
C GLY A 108 17.82 -0.77 13.35
N THR A 109 16.77 -1.42 13.84
CA THR A 109 16.93 -2.79 14.29
C THR A 109 15.65 -3.55 14.03
N LYS A 110 15.47 -3.98 12.80
CA LYS A 110 14.32 -4.74 12.41
C LYS A 110 14.57 -5.32 11.03
N ARG A 111 14.06 -6.46 10.69
CA ARG A 111 14.21 -6.93 9.34
C ARG A 111 12.94 -7.59 8.89
N LEU A 112 12.41 -7.18 7.75
CA LEU A 112 11.14 -7.69 7.30
C LEU A 112 11.19 -9.07 6.67
N LYS A 113 10.14 -9.88 6.94
CA LYS A 113 10.12 -11.23 6.38
C LYS A 113 9.55 -11.21 4.96
N VAL A 114 10.37 -11.47 3.96
CA VAL A 114 9.91 -11.47 2.60
C VAL A 114 9.54 -12.87 2.13
N GLN A 115 8.24 -13.09 2.04
CA GLN A 115 7.69 -14.36 1.60
C GLN A 115 7.31 -14.24 0.13
N LEU A 116 7.96 -15.02 -0.73
CA LEU A 116 7.74 -14.94 -2.17
C LEU A 116 6.58 -15.80 -2.68
N LYS A 117 5.84 -15.29 -3.68
CA LYS A 117 4.72 -16.01 -4.27
C LYS A 117 4.55 -15.62 -5.74
N LYS A 118 4.81 -16.59 -6.63
CA LYS A 118 4.70 -16.38 -8.06
C LYS A 118 3.57 -17.24 -8.64
N ALA A 1 -10.92 18.31 -5.39
CA ALA A 1 -9.69 17.60 -5.04
C ALA A 1 -8.93 17.16 -6.29
N ALA A 2 -7.96 17.95 -6.71
CA ALA A 2 -7.18 17.63 -7.89
C ALA A 2 -5.97 16.77 -7.52
N GLY A 3 -5.47 16.94 -6.30
CA GLY A 3 -4.33 16.17 -5.86
C GLY A 3 -3.09 17.02 -5.65
N LEU A 4 -3.29 18.32 -5.47
CA LEU A 4 -2.19 19.25 -5.26
C LEU A 4 -2.49 20.21 -4.12
N PRO A 5 -1.93 19.96 -2.92
CA PRO A 5 -2.15 20.79 -1.75
C PRO A 5 -1.02 21.80 -1.51
N GLN A 6 -1.33 22.84 -0.76
CA GLN A 6 -0.35 23.86 -0.45
C GLN A 6 0.15 23.72 0.99
N PHE A 7 1.16 24.50 1.34
CA PHE A 7 1.72 24.45 2.69
C PHE A 7 0.96 25.38 3.63
N GLY A 8 0.87 24.97 4.89
CA GLY A 8 0.16 25.78 5.87
C GLY A 8 -0.75 24.94 6.75
N SER A 9 -1.28 23.87 6.19
CA SER A 9 -2.18 22.99 6.94
C SER A 9 -1.68 21.55 6.91
N ALA A 10 -2.08 20.76 7.90
CA ALA A 10 -1.68 19.37 7.99
C ALA A 10 -2.74 18.44 7.41
N SER A 11 -2.39 17.17 7.26
CA SER A 11 -3.33 16.18 6.72
C SER A 11 -4.51 16.00 7.65
N ALA A 12 -5.68 16.48 7.22
CA ALA A 12 -6.89 16.37 8.01
C ALA A 12 -7.61 15.06 7.73
N LEU A 13 -8.26 14.51 8.76
CA LEU A 13 -8.98 13.25 8.62
C LEU A 13 -10.49 13.48 8.65
N SER A 14 -11.20 12.94 7.66
CA SER A 14 -12.65 13.09 7.58
C SER A 14 -13.35 11.85 8.12
N THR A 15 -14.25 12.05 9.07
CA THR A 15 -15.00 10.95 9.66
C THR A 15 -16.16 10.53 8.75
N SER A 16 -16.37 9.22 8.66
CA SER A 16 -17.44 8.68 7.82
C SER A 16 -18.50 7.99 8.66
N PRO A 17 -19.78 8.08 8.27
CA PRO A 17 -20.88 7.45 9.00
C PRO A 17 -20.65 5.96 9.24
N LEU A 18 -21.38 5.39 10.18
CA LEU A 18 -21.25 3.98 10.51
C LEU A 18 -22.26 3.14 9.73
N ALA A 19 -21.77 2.48 8.68
CA ALA A 19 -22.64 1.65 7.84
C ALA A 19 -22.68 0.21 8.36
N SER A 20 -23.84 -0.41 8.25
CA SER A 20 -24.01 -1.79 8.71
C SER A 20 -24.25 -2.73 7.53
N VAL A 21 -25.34 -2.49 6.80
CA VAL A 21 -25.70 -3.30 5.64
C VAL A 21 -25.81 -2.45 4.38
N ALA A 22 -24.82 -2.56 3.50
CA ALA A 22 -24.83 -1.80 2.26
C ALA A 22 -25.93 -2.28 1.32
N LEU A 23 -26.73 -1.34 0.84
CA LEU A 23 -27.83 -1.66 -0.08
C LEU A 23 -27.53 -1.16 -1.48
N SER A 24 -26.98 -2.04 -2.32
CA SER A 24 -26.65 -1.69 -3.70
C SER A 24 -25.68 -0.51 -3.74
N ALA A 25 -24.84 -0.40 -2.72
CA ALA A 25 -23.86 0.68 -2.64
C ALA A 25 -22.52 0.25 -3.19
N ALA A 26 -21.82 1.17 -3.84
CA ALA A 26 -20.52 0.89 -4.43
C ALA A 26 -19.45 1.83 -3.89
N ALA A 27 -18.41 1.26 -3.28
CA ALA A 27 -17.32 2.04 -2.72
C ALA A 27 -16.09 2.00 -3.62
N ALA A 28 -15.49 3.16 -3.87
CA ALA A 28 -14.30 3.24 -4.71
C ALA A 28 -13.04 2.97 -3.90
N ALA A 29 -12.13 2.19 -4.48
CA ALA A 29 -10.88 1.84 -3.81
C ALA A 29 -9.70 2.54 -4.48
N ALA A 30 -8.56 2.55 -3.81
CA ALA A 30 -7.36 3.20 -4.34
C ALA A 30 -6.15 2.27 -4.24
N ALA A 31 -5.42 2.15 -5.35
CA ALA A 31 -4.25 1.30 -5.40
C ALA A 31 -3.00 2.12 -5.76
N GLY A 32 -1.94 1.95 -5.00
CA GLY A 32 -0.72 2.68 -5.25
C GLY A 32 -0.30 2.69 -6.71
N LYS A 33 -0.52 1.57 -7.40
CA LYS A 33 -0.13 1.46 -8.80
C LYS A 33 -1.19 0.73 -9.63
N GLN A 34 -0.76 0.29 -10.82
CA GLN A 34 -1.62 -0.38 -11.77
C GLN A 34 -2.56 -1.40 -11.11
N ILE A 35 -3.57 -1.84 -11.86
CA ILE A 35 -4.56 -2.78 -11.38
C ILE A 35 -3.97 -4.18 -11.16
N GLU A 36 -4.74 -5.05 -10.48
CA GLU A 36 -4.31 -6.41 -10.18
C GLU A 36 -4.01 -7.21 -11.45
N GLY A 37 -3.17 -8.23 -11.29
CA GLY A 37 -2.80 -9.10 -12.40
C GLY A 37 -2.61 -10.54 -11.95
N PRO A 38 -2.04 -11.41 -12.79
CA PRO A 38 -1.80 -12.83 -12.45
C PRO A 38 -1.05 -12.97 -11.12
N GLU A 39 -1.73 -13.54 -10.14
CA GLU A 39 -1.15 -13.73 -8.81
C GLU A 39 -0.04 -14.77 -8.80
N GLY A 40 0.67 -14.84 -7.67
CA GLY A 40 1.76 -15.78 -7.51
C GLY A 40 3.05 -15.12 -7.05
N CYS A 41 3.07 -13.80 -7.05
CA CYS A 41 4.20 -13.00 -6.67
C CYS A 41 3.74 -12.08 -5.56
N ASN A 42 2.80 -12.50 -4.72
CA ASN A 42 2.20 -11.55 -3.80
C ASN A 42 2.88 -11.59 -2.45
N LEU A 43 3.16 -10.38 -2.00
CA LEU A 43 3.89 -10.12 -0.80
C LEU A 43 3.10 -9.33 0.22
N PHE A 44 3.35 -9.67 1.47
CA PHE A 44 2.76 -8.99 2.59
C PHE A 44 3.92 -8.56 3.42
N ILE A 45 4.09 -7.28 3.57
CA ILE A 45 5.23 -6.78 4.31
C ILE A 45 4.77 -5.97 5.46
N TYR A 46 5.48 -5.93 6.57
CA TYR A 46 5.02 -5.03 7.61
C TYR A 46 6.14 -4.37 8.38
N HIS A 47 6.51 -3.17 7.95
CA HIS A 47 7.36 -2.33 8.75
C HIS A 47 6.80 -0.91 8.92
N LEU A 48 6.19 -0.48 7.80
CA LEU A 48 5.79 0.91 7.62
C LEU A 48 4.63 1.48 8.38
N PRO A 49 4.82 2.76 8.75
CA PRO A 49 3.85 3.57 9.47
C PRO A 49 2.75 4.08 8.56
N GLN A 50 1.77 4.72 9.17
CA GLN A 50 0.63 5.26 8.47
C GLN A 50 1.02 6.19 7.32
N GLU A 51 2.23 6.76 7.36
CA GLU A 51 2.68 7.69 6.34
C GLU A 51 3.30 7.01 5.13
N PHE A 52 3.31 5.69 5.11
CA PHE A 52 3.91 4.97 3.99
C PHE A 52 2.86 4.59 2.93
N THR A 53 3.21 4.82 1.66
CA THR A 53 2.30 4.50 0.56
C THR A 53 2.76 3.23 -0.15
N ASP A 54 1.80 2.53 -0.71
CA ASP A 54 2.07 1.29 -1.42
C ASP A 54 2.84 1.54 -2.70
N THR A 55 2.66 2.73 -3.25
CA THR A 55 3.34 3.10 -4.48
C THR A 55 4.85 2.94 -4.34
N ASP A 56 5.38 3.11 -3.14
CA ASP A 56 6.82 2.97 -2.92
C ASP A 56 7.30 1.54 -3.15
N LEU A 57 6.61 0.56 -2.58
CA LEU A 57 7.03 -0.82 -2.76
C LEU A 57 6.87 -1.26 -4.20
N ALA A 58 5.77 -0.87 -4.85
CA ALA A 58 5.58 -1.27 -6.24
C ALA A 58 6.70 -0.73 -7.16
N SER A 59 7.09 0.51 -6.94
CA SER A 59 8.11 1.17 -7.73
C SER A 59 9.49 0.50 -7.61
N THR A 60 9.97 0.34 -6.38
CA THR A 60 11.29 -0.30 -6.18
C THR A 60 11.29 -1.71 -6.77
N PHE A 61 10.16 -2.34 -6.60
CA PHE A 61 9.81 -3.70 -7.00
C PHE A 61 9.55 -3.89 -8.51
N LEU A 62 9.45 -2.81 -9.26
CA LEU A 62 8.99 -2.85 -10.65
C LEU A 62 9.48 -4.01 -11.52
N PRO A 63 10.71 -4.57 -11.41
CA PRO A 63 11.05 -5.75 -12.24
C PRO A 63 9.80 -6.66 -12.30
N PHE A 64 9.15 -6.68 -11.13
CA PHE A 64 7.88 -7.32 -10.84
C PHE A 64 6.74 -6.89 -11.80
N GLY A 65 6.92 -7.13 -13.09
CA GLY A 65 5.99 -6.69 -14.12
C GLY A 65 4.65 -6.19 -13.60
N ASN A 66 3.53 -6.72 -14.07
CA ASN A 66 2.24 -6.14 -13.69
C ASN A 66 2.22 -5.80 -12.21
N VAL A 67 2.11 -4.50 -11.92
CA VAL A 67 2.17 -4.00 -10.55
C VAL A 67 0.87 -3.48 -9.99
N ILE A 68 0.36 -4.17 -8.98
CA ILE A 68 -0.83 -3.69 -8.29
C ILE A 68 -0.48 -3.42 -6.84
N SER A 69 -0.68 -2.20 -6.36
CA SER A 69 -0.32 -1.93 -4.96
C SER A 69 -1.45 -1.35 -4.11
N ALA A 70 -1.45 -1.76 -2.84
CA ALA A 70 -2.40 -1.33 -1.81
C ALA A 70 -1.63 -1.05 -0.51
N LYS A 71 -2.19 -0.29 0.42
CA LYS A 71 -1.44 0.01 1.67
C LYS A 71 -2.27 -0.15 2.96
N VAL A 72 -1.57 -0.52 4.04
CA VAL A 72 -2.17 -0.72 5.38
C VAL A 72 -1.50 0.19 6.43
N PHE A 73 -2.18 1.32 6.67
CA PHE A 73 -1.74 2.35 7.62
C PHE A 73 -2.71 2.53 8.78
N ILE A 74 -2.20 2.39 10.01
CA ILE A 74 -3.03 2.55 11.23
C ILE A 74 -2.40 3.51 12.24
N ASP A 75 -3.24 4.33 12.90
CA ASP A 75 -2.81 5.27 13.95
C ASP A 75 -3.98 5.62 14.89
N LYS A 76 -4.24 4.83 15.94
CA LYS A 76 -5.36 5.19 16.84
C LYS A 76 -4.87 5.82 18.15
N GLN A 77 -4.27 5.01 19.01
CA GLN A 77 -3.73 5.50 20.29
C GLN A 77 -2.21 5.57 20.22
N THR A 78 -1.61 4.39 20.12
CA THR A 78 -0.18 4.21 20.00
C THR A 78 0.08 3.47 18.69
N SER A 79 -1.02 3.18 17.99
CA SER A 79 -1.03 2.51 16.71
C SER A 79 -0.49 3.43 15.62
N LEU A 80 0.11 4.56 16.04
CA LEU A 80 0.58 5.58 15.11
C LEU A 80 1.65 5.00 14.19
N SER A 81 2.57 5.81 13.67
CA SER A 81 3.49 5.28 12.67
C SER A 81 4.16 3.96 13.08
N LYS A 82 3.40 2.90 12.82
CA LYS A 82 3.82 1.50 12.97
C LYS A 82 2.98 0.69 11.99
N CYS A 83 3.46 0.15 10.88
CA CYS A 83 2.47 -0.57 10.05
C CYS A 83 3.00 -1.40 8.89
N PHE A 84 2.07 -1.83 8.01
CA PHE A 84 2.44 -2.68 6.92
C PHE A 84 1.81 -2.26 5.62
N GLY A 85 2.42 -2.72 4.56
CA GLY A 85 1.91 -2.47 3.23
C GLY A 85 1.64 -3.78 2.51
N PHE A 86 0.76 -3.73 1.53
CA PHE A 86 0.43 -4.89 0.73
C PHE A 86 0.88 -4.62 -0.69
N VAL A 87 1.59 -5.55 -1.27
CA VAL A 87 2.01 -5.38 -2.64
C VAL A 87 1.72 -6.65 -3.40
N SER A 88 0.85 -6.55 -4.38
CA SER A 88 0.48 -7.70 -5.18
C SER A 88 1.23 -7.67 -6.51
N PHE A 89 2.15 -8.62 -6.63
CA PHE A 89 3.00 -8.75 -7.79
C PHE A 89 2.54 -9.86 -8.74
N ASP A 90 2.34 -9.45 -9.99
CA ASP A 90 1.94 -10.33 -11.07
C ASP A 90 2.95 -10.23 -12.23
N ASN A 91 3.97 -11.06 -12.14
CA ASN A 91 5.02 -11.10 -13.16
C ASN A 91 5.73 -12.45 -13.09
N PRO A 92 6.50 -12.83 -14.12
CA PRO A 92 7.25 -14.08 -14.11
C PRO A 92 7.95 -14.29 -12.76
N ASP A 93 8.62 -15.43 -12.59
CA ASP A 93 9.32 -15.73 -11.34
C ASP A 93 10.21 -14.57 -10.94
N SER A 94 10.62 -13.76 -11.92
CA SER A 94 11.46 -12.60 -11.63
C SER A 94 10.82 -11.75 -10.53
N ALA A 95 9.49 -11.68 -10.53
CA ALA A 95 8.79 -10.93 -9.51
C ALA A 95 9.00 -11.59 -8.17
N GLN A 96 8.92 -12.93 -8.16
CA GLN A 96 9.15 -13.66 -6.92
C GLN A 96 10.50 -13.26 -6.35
N VAL A 97 11.49 -13.18 -7.24
CA VAL A 97 12.83 -12.79 -6.87
C VAL A 97 12.82 -11.43 -6.18
N ALA A 98 11.98 -10.51 -6.66
CA ALA A 98 11.90 -9.19 -6.07
C ALA A 98 11.37 -9.27 -4.63
N ILE A 99 10.50 -10.24 -4.37
CA ILE A 99 9.91 -10.39 -3.05
C ILE A 99 10.84 -10.95 -1.99
N LYS A 100 11.55 -12.02 -2.31
CA LYS A 100 12.42 -12.64 -1.33
C LYS A 100 13.68 -11.81 -1.10
N ALA A 101 14.28 -11.37 -2.19
CA ALA A 101 15.49 -10.61 -2.13
C ALA A 101 15.29 -9.15 -1.71
N MET A 102 14.07 -8.62 -1.80
CA MET A 102 13.86 -7.21 -1.48
C MET A 102 12.94 -6.91 -0.30
N ASN A 103 13.50 -6.17 0.64
CA ASN A 103 12.80 -5.63 1.79
C ASN A 103 12.07 -4.40 1.27
N GLY A 104 11.04 -3.90 1.94
CA GLY A 104 10.33 -2.80 1.33
C GLY A 104 10.28 -1.52 2.14
N PHE A 105 10.83 -1.46 3.35
CA PHE A 105 10.82 -0.15 4.04
C PHE A 105 12.18 0.26 4.59
N GLN A 106 12.74 1.30 3.96
CA GLN A 106 14.01 1.91 4.35
C GLN A 106 13.85 3.21 5.15
N VAL A 107 14.17 3.17 6.43
CA VAL A 107 14.17 4.36 7.30
C VAL A 107 15.54 4.46 7.93
N GLY A 108 16.00 5.65 8.37
CA GLY A 108 17.36 5.68 8.91
C GLY A 108 17.64 4.50 9.83
N THR A 109 16.62 4.03 10.56
CA THR A 109 16.77 2.77 11.25
C THR A 109 15.40 2.09 11.30
N LYS A 110 15.05 1.44 10.23
CA LYS A 110 13.79 0.73 10.14
C LYS A 110 13.78 -0.17 8.93
N ARG A 111 13.73 -1.47 9.07
CA ARG A 111 13.68 -2.30 7.88
C ARG A 111 12.40 -3.10 7.85
N LEU A 112 11.78 -3.12 6.67
CA LEU A 112 10.50 -3.79 6.50
C LEU A 112 10.63 -5.27 6.38
N LYS A 113 9.76 -6.00 7.06
CA LYS A 113 9.85 -7.45 6.95
C LYS A 113 9.06 -7.94 5.75
N VAL A 114 9.78 -8.36 4.69
CA VAL A 114 9.16 -8.81 3.47
C VAL A 114 8.87 -10.31 3.53
N GLN A 115 7.58 -10.63 3.64
CA GLN A 115 7.12 -12.01 3.70
C GLN A 115 6.53 -12.40 2.34
N LEU A 116 7.30 -13.17 1.57
CA LEU A 116 6.90 -13.56 0.22
C LEU A 116 5.96 -14.79 0.17
N LYS A 117 5.03 -14.76 -0.80
CA LYS A 117 4.08 -15.85 -1.00
C LYS A 117 3.68 -15.98 -2.48
N LYS A 118 3.98 -17.14 -3.04
CA LYS A 118 3.69 -17.44 -4.44
C LYS A 118 2.51 -18.40 -4.57
N ALA A 1 -37.90 45.90 16.23
CA ALA A 1 -37.17 44.70 16.63
C ALA A 1 -37.11 44.58 18.15
N ALA A 2 -37.88 43.64 18.69
CA ALA A 2 -37.91 43.42 20.13
C ALA A 2 -37.71 41.94 20.47
N GLY A 3 -36.93 41.26 19.65
CA GLY A 3 -36.67 39.85 19.87
C GLY A 3 -37.21 38.97 18.75
N LEU A 4 -37.17 39.50 17.53
CA LEU A 4 -37.65 38.76 16.37
C LEU A 4 -36.63 38.81 15.23
N PRO A 5 -36.43 37.67 14.52
CA PRO A 5 -35.47 37.58 13.44
C PRO A 5 -36.12 37.72 12.07
N GLN A 6 -35.30 38.08 11.08
CA GLN A 6 -35.80 38.22 9.72
C GLN A 6 -35.38 37.03 8.86
N PHE A 7 -36.36 36.35 8.28
CA PHE A 7 -36.09 35.19 7.44
C PHE A 7 -35.40 35.63 6.14
N GLY A 8 -34.60 34.72 5.58
CA GLY A 8 -33.90 35.02 4.34
C GLY A 8 -32.43 34.66 4.40
N SER A 9 -31.86 34.76 5.60
CA SER A 9 -30.45 34.44 5.80
C SER A 9 -30.28 33.03 6.35
N ALA A 10 -29.37 32.28 5.75
CA ALA A 10 -29.11 30.90 6.17
C ALA A 10 -28.36 30.87 7.50
N SER A 11 -28.80 30.02 8.41
CA SER A 11 -28.16 29.90 9.72
C SER A 11 -27.17 28.73 9.73
N ALA A 12 -26.65 28.43 10.91
CA ALA A 12 -25.70 27.34 11.06
C ALA A 12 -26.37 25.98 10.89
N LEU A 13 -25.81 25.16 10.00
CA LEU A 13 -26.36 23.83 9.75
C LEU A 13 -25.39 22.74 10.18
N SER A 14 -25.90 21.73 10.86
CA SER A 14 -25.07 20.63 11.34
C SER A 14 -24.72 19.68 10.19
N THR A 15 -23.42 19.56 9.93
CA THR A 15 -22.94 18.68 8.85
C THR A 15 -22.37 17.39 9.41
N SER A 16 -22.34 16.35 8.58
CA SER A 16 -21.82 15.06 8.99
C SER A 16 -20.40 14.85 8.47
N PRO A 17 -19.56 14.14 9.24
CA PRO A 17 -18.16 13.87 8.85
C PRO A 17 -18.08 13.01 7.59
N LEU A 18 -18.70 11.84 7.64
CA LEU A 18 -18.69 10.93 6.49
C LEU A 18 -19.48 9.66 6.81
N ALA A 19 -19.43 8.69 5.90
CA ALA A 19 -20.14 7.44 6.07
C ALA A 19 -19.32 6.27 5.55
N SER A 20 -19.11 5.28 6.41
CA SER A 20 -18.33 4.09 6.04
C SER A 20 -19.02 3.34 4.91
N VAL A 21 -18.32 3.20 3.78
CA VAL A 21 -18.85 2.50 2.62
C VAL A 21 -17.79 1.59 2.00
N ALA A 22 -18.19 0.36 1.68
CA ALA A 22 -17.28 -0.60 1.07
C ALA A 22 -17.18 -0.39 -0.44
N LEU A 23 -16.10 -0.87 -1.03
CA LEU A 23 -15.88 -0.74 -2.47
C LEU A 23 -16.50 -1.91 -3.22
N SER A 24 -16.94 -1.66 -4.45
CA SER A 24 -17.55 -2.70 -5.27
C SER A 24 -16.76 -2.90 -6.56
N ALA A 25 -16.42 -1.79 -7.22
CA ALA A 25 -15.67 -1.86 -8.47
C ALA A 25 -14.17 -1.99 -8.20
N ALA A 26 -13.55 -2.95 -8.87
CA ALA A 26 -12.11 -3.18 -8.70
C ALA A 26 -11.30 -2.28 -9.63
N ALA A 27 -10.57 -1.34 -9.05
CA ALA A 27 -9.74 -0.43 -9.83
C ALA A 27 -8.46 -1.11 -10.31
N ALA A 28 -8.13 -0.89 -11.58
CA ALA A 28 -6.93 -1.49 -12.17
C ALA A 28 -5.68 -0.94 -11.52
N ALA A 29 -5.12 -1.69 -10.58
CA ALA A 29 -3.90 -1.28 -9.88
C ALA A 29 -2.75 -1.09 -10.86
N ALA A 30 -1.73 -0.37 -10.42
CA ALA A 30 -0.55 -0.12 -11.25
C ALA A 30 0.60 -1.04 -10.88
N ALA A 31 1.17 -1.70 -11.89
CA ALA A 31 2.28 -2.62 -11.66
C ALA A 31 3.56 -1.85 -11.32
N GLY A 32 3.79 -1.68 -10.02
CA GLY A 32 4.97 -0.97 -9.54
C GLY A 32 6.21 -1.12 -10.42
N LYS A 33 6.42 -2.31 -11.00
CA LYS A 33 7.62 -2.52 -11.81
C LYS A 33 7.37 -3.42 -13.03
N GLN A 34 8.48 -3.89 -13.62
CA GLN A 34 8.48 -4.71 -14.84
C GLN A 34 7.40 -5.81 -14.87
N ILE A 35 7.47 -6.62 -15.93
CA ILE A 35 6.52 -7.72 -16.18
C ILE A 35 6.64 -8.87 -15.20
N GLU A 36 5.81 -9.92 -15.42
CA GLU A 36 5.78 -11.10 -14.55
C GLU A 36 6.67 -12.23 -15.04
N GLY A 37 7.06 -13.10 -14.10
CA GLY A 37 7.90 -14.24 -14.39
C GLY A 37 7.53 -15.45 -13.53
N PRO A 38 8.37 -16.50 -13.51
CA PRO A 38 8.12 -17.72 -12.71
C PRO A 38 8.02 -17.43 -11.21
N GLU A 39 6.89 -17.80 -10.63
CA GLU A 39 6.61 -17.61 -9.20
C GLU A 39 7.56 -18.36 -8.28
N GLY A 40 7.47 -18.05 -6.97
CA GLY A 40 8.31 -18.69 -5.98
C GLY A 40 9.00 -17.69 -5.05
N CYS A 41 9.34 -16.53 -5.57
CA CYS A 41 9.98 -15.45 -4.84
C CYS A 41 8.92 -14.54 -4.29
N ASN A 42 7.75 -15.07 -3.91
CA ASN A 42 6.64 -14.20 -3.60
C ASN A 42 6.54 -13.94 -2.13
N LEU A 43 6.50 -12.66 -1.85
CA LEU A 43 6.48 -12.12 -0.52
C LEU A 43 5.25 -11.27 -0.28
N PHE A 44 4.89 -11.23 0.98
CA PHE A 44 3.78 -10.44 1.45
C PHE A 44 4.27 -9.71 2.67
N ILE A 45 4.22 -8.40 2.65
CA ILE A 45 4.72 -7.65 3.78
C ILE A 45 3.68 -6.72 4.35
N TYR A 46 3.61 -6.55 5.66
CA TYR A 46 2.64 -5.60 6.18
C TYR A 46 3.29 -4.54 7.04
N HIS A 47 3.73 -3.41 6.47
CA HIS A 47 4.07 -2.30 7.33
C HIS A 47 3.53 -0.95 6.89
N LEU A 48 3.60 -0.80 5.57
CA LEU A 48 3.36 0.48 4.91
C LEU A 48 1.96 0.99 4.83
N PRO A 49 1.83 2.32 5.02
CA PRO A 49 0.57 3.02 4.91
C PRO A 49 0.19 3.17 3.43
N GLN A 50 -1.01 3.68 3.21
CA GLN A 50 -1.51 3.86 1.85
C GLN A 50 -0.53 4.59 0.91
N GLU A 51 0.40 5.35 1.48
CA GLU A 51 1.32 6.13 0.66
C GLU A 51 2.56 5.35 0.21
N PHE A 52 2.56 4.03 0.40
CA PHE A 52 3.71 3.24 -0.01
C PHE A 52 3.53 2.69 -1.42
N THR A 53 4.61 2.68 -2.20
CA THR A 53 4.57 2.18 -3.57
C THR A 53 5.32 0.86 -3.68
N ASP A 54 4.87 0.05 -4.63
CA ASP A 54 5.46 -1.25 -4.89
C ASP A 54 6.90 -1.12 -5.36
N THR A 55 7.20 0.01 -5.98
CA THR A 55 8.51 0.26 -6.51
C THR A 55 9.61 0.18 -5.44
N ASP A 56 9.31 0.52 -4.19
CA ASP A 56 10.33 0.48 -3.14
C ASP A 56 10.84 -0.93 -2.80
N LEU A 57 9.93 -1.89 -2.58
CA LEU A 57 10.36 -3.25 -2.24
C LEU A 57 10.93 -3.95 -3.47
N ALA A 58 10.33 -3.68 -4.62
CA ALA A 58 10.78 -4.28 -5.86
C ALA A 58 12.20 -3.88 -6.19
N SER A 59 12.55 -2.65 -5.89
CA SER A 59 13.88 -2.14 -6.15
C SER A 59 14.91 -2.67 -5.16
N THR A 60 14.53 -2.83 -3.89
CA THR A 60 15.48 -3.30 -2.90
C THR A 60 15.89 -4.77 -3.13
N PHE A 61 14.92 -5.69 -3.16
CA PHE A 61 15.21 -7.11 -3.43
C PHE A 61 15.44 -7.40 -4.92
N LEU A 62 15.24 -6.40 -5.75
CA LEU A 62 15.23 -6.52 -7.22
C LEU A 62 16.28 -7.45 -7.79
N PRO A 63 17.47 -7.56 -7.24
CA PRO A 63 18.44 -8.49 -7.80
C PRO A 63 17.84 -9.92 -7.95
N PHE A 64 16.71 -10.23 -7.25
CA PHE A 64 16.18 -11.60 -7.29
C PHE A 64 15.63 -12.14 -8.63
N GLY A 65 14.55 -11.56 -9.16
CA GLY A 65 13.99 -11.96 -10.45
C GLY A 65 13.69 -10.82 -11.37
N ASN A 66 12.66 -11.12 -12.17
CA ASN A 66 11.99 -10.15 -12.96
C ASN A 66 10.95 -9.67 -11.95
N VAL A 67 10.90 -8.39 -11.70
CA VAL A 67 10.06 -7.88 -10.62
C VAL A 67 8.72 -7.29 -11.03
N ILE A 68 7.68 -7.84 -10.43
CA ILE A 68 6.33 -7.38 -10.60
C ILE A 68 5.78 -6.96 -9.24
N SER A 69 6.02 -5.72 -8.83
CA SER A 69 5.57 -5.30 -7.50
C SER A 69 4.27 -4.49 -7.57
N ALA A 70 3.33 -4.87 -6.70
CA ALA A 70 2.03 -4.23 -6.57
C ALA A 70 1.87 -3.66 -5.15
N LYS A 71 0.83 -2.86 -4.90
CA LYS A 71 0.66 -2.29 -3.55
C LYS A 71 -0.77 -2.40 -3.02
N VAL A 72 -0.88 -2.57 -1.69
CA VAL A 72 -2.17 -2.69 -0.99
C VAL A 72 -2.28 -1.61 0.11
N PHE A 73 -3.09 -0.59 -0.22
CA PHE A 73 -3.32 0.56 0.65
C PHE A 73 -4.66 0.49 1.40
N ILE A 74 -4.63 1.01 2.62
CA ILE A 74 -5.78 1.08 3.52
C ILE A 74 -6.17 2.54 3.75
N ASP A 75 -7.30 2.80 4.41
CA ASP A 75 -7.73 4.18 4.64
C ASP A 75 -7.18 4.72 5.96
N LYS A 76 -5.99 5.30 5.86
CA LYS A 76 -5.27 5.88 6.99
C LYS A 76 -5.44 7.40 7.04
N GLN A 77 -6.25 7.94 6.13
CA GLN A 77 -6.44 9.38 6.02
C GLN A 77 -6.47 10.01 7.39
N THR A 78 -7.50 9.69 8.14
CA THR A 78 -7.63 10.17 9.49
C THR A 78 -7.87 9.01 10.43
N SER A 79 -7.87 7.77 9.90
CA SER A 79 -8.18 6.65 10.77
C SER A 79 -6.96 5.96 11.38
N LEU A 80 -6.14 5.32 10.55
CA LEU A 80 -4.94 4.63 11.05
C LEU A 80 -3.90 4.49 9.94
N SER A 81 -2.64 4.82 10.20
CA SER A 81 -1.64 4.64 9.14
C SER A 81 -0.91 3.32 9.33
N LYS A 82 -1.49 2.28 8.74
CA LYS A 82 -0.92 0.93 8.75
C LYS A 82 -1.29 0.23 7.46
N CYS A 83 -0.33 -0.11 6.59
CA CYS A 83 -0.75 -0.81 5.35
C CYS A 83 0.28 -1.86 4.87
N PHE A 84 -0.04 -2.56 3.78
CA PHE A 84 0.85 -3.61 3.32
C PHE A 84 1.07 -3.57 1.83
N GLY A 85 2.18 -4.12 1.43
CA GLY A 85 2.53 -4.21 0.03
C GLY A 85 2.66 -5.66 -0.43
N PHE A 86 2.51 -5.87 -1.73
CA PHE A 86 2.66 -7.20 -2.31
C PHE A 86 3.86 -7.17 -3.22
N VAL A 87 4.63 -8.23 -3.23
CA VAL A 87 5.79 -8.28 -4.08
C VAL A 87 5.93 -9.64 -4.75
N SER A 88 5.77 -9.70 -6.05
CA SER A 88 5.88 -10.96 -6.76
C SER A 88 7.18 -10.98 -7.57
N PHE A 89 8.16 -11.76 -7.12
CA PHE A 89 9.43 -11.84 -7.80
C PHE A 89 9.68 -13.24 -8.33
N ASP A 90 10.19 -13.25 -9.55
CA ASP A 90 10.38 -14.50 -10.25
C ASP A 90 11.81 -14.81 -10.71
N ASN A 91 12.58 -15.50 -9.88
CA ASN A 91 13.94 -15.92 -10.22
C ASN A 91 14.34 -17.11 -9.34
N PRO A 92 15.62 -17.54 -9.34
CA PRO A 92 16.06 -18.65 -8.49
C PRO A 92 15.97 -18.27 -7.01
N ASP A 93 16.32 -19.22 -6.14
CA ASP A 93 16.27 -19.02 -4.70
C ASP A 93 16.99 -17.74 -4.29
N SER A 94 17.89 -17.25 -5.13
CA SER A 94 18.62 -16.03 -4.80
C SER A 94 17.62 -14.94 -4.40
N ALA A 95 16.44 -14.97 -5.01
CA ALA A 95 15.38 -14.05 -4.68
C ALA A 95 14.96 -14.27 -3.25
N GLN A 96 14.87 -15.54 -2.87
CA GLN A 96 14.48 -15.88 -1.52
C GLN A 96 15.34 -15.14 -0.53
N VAL A 97 16.65 -15.24 -0.71
CA VAL A 97 17.60 -14.58 0.16
C VAL A 97 17.37 -13.08 0.20
N ALA A 98 17.12 -12.48 -0.95
CA ALA A 98 16.88 -11.04 -1.05
C ALA A 98 15.77 -10.57 -0.12
N ILE A 99 14.66 -11.28 -0.14
CA ILE A 99 13.47 -10.91 0.64
C ILE A 99 13.55 -11.21 2.15
N LYS A 100 13.89 -12.44 2.52
CA LYS A 100 13.92 -12.81 3.93
C LYS A 100 15.03 -12.10 4.67
N ALA A 101 16.08 -11.73 3.95
CA ALA A 101 17.20 -11.08 4.55
C ALA A 101 16.91 -9.62 4.87
N MET A 102 15.91 -9.03 4.22
CA MET A 102 15.63 -7.61 4.45
C MET A 102 14.16 -7.25 4.69
N ASN A 103 13.95 -6.45 5.74
CA ASN A 103 12.67 -5.87 6.07
C ASN A 103 12.34 -4.93 4.91
N GLY A 104 11.09 -4.53 4.72
CA GLY A 104 10.84 -3.72 3.55
C GLY A 104 10.28 -2.33 3.80
N PHE A 105 10.02 -1.93 5.05
CA PHE A 105 9.57 -0.55 5.24
C PHE A 105 10.35 0.21 6.31
N GLN A 106 11.13 1.17 5.84
CA GLN A 106 11.94 2.05 6.68
C GLN A 106 11.31 3.44 6.90
N VAL A 107 10.85 3.69 8.11
CA VAL A 107 10.31 5.00 8.52
C VAL A 107 11.08 5.44 9.76
N GLY A 108 11.19 6.73 10.09
CA GLY A 108 11.98 7.07 11.26
C GLY A 108 11.72 6.12 12.42
N THR A 109 10.49 5.62 12.55
CA THR A 109 10.26 4.52 13.48
C THR A 109 9.15 3.66 12.92
N LYS A 110 9.50 2.78 12.01
CA LYS A 110 8.54 1.89 11.41
C LYS A 110 9.24 0.78 10.66
N ARG A 111 9.14 -0.47 11.04
CA ARG A 111 9.76 -1.50 10.26
C ARG A 111 8.73 -2.49 9.76
N LEU A 112 8.84 -2.84 8.50
CA LEU A 112 7.87 -3.71 7.85
C LEU A 112 8.07 -5.15 8.16
N LYS A 113 6.95 -5.86 8.39
CA LYS A 113 7.12 -7.29 8.66
C LYS A 113 7.15 -8.07 7.34
N VAL A 114 8.34 -8.54 6.97
CA VAL A 114 8.52 -9.27 5.74
C VAL A 114 8.31 -10.77 5.92
N GLN A 115 7.25 -11.27 5.31
CA GLN A 115 6.89 -12.69 5.34
C GLN A 115 7.15 -13.30 3.97
N LEU A 116 8.24 -14.04 3.83
CA LEU A 116 8.64 -14.59 2.52
C LEU A 116 8.16 -16.03 2.27
N LYS A 117 7.93 -16.32 0.98
CA LYS A 117 7.49 -17.64 0.53
C LYS A 117 8.14 -17.99 -0.82
N LYS A 118 9.06 -18.95 -0.72
CA LYS A 118 9.83 -19.46 -1.85
C LYS A 118 9.05 -20.52 -2.61
N ALA A 1 -28.25 2.36 -10.86
CA ALA A 1 -27.32 1.31 -10.46
C ALA A 1 -28.08 0.04 -10.07
N ALA A 2 -28.01 -0.98 -10.92
CA ALA A 2 -28.69 -2.24 -10.66
C ALA A 2 -27.73 -3.27 -10.06
N GLY A 3 -26.87 -2.81 -9.16
CA GLY A 3 -25.92 -3.70 -8.53
C GLY A 3 -24.51 -3.53 -9.08
N LEU A 4 -24.39 -2.93 -10.26
CA LEU A 4 -23.10 -2.71 -10.89
C LEU A 4 -22.76 -1.23 -10.95
N PRO A 5 -21.99 -0.72 -9.98
CA PRO A 5 -21.61 0.68 -9.91
C PRO A 5 -20.21 0.94 -10.47
N GLN A 6 -19.96 2.19 -10.83
CA GLN A 6 -18.66 2.57 -11.36
C GLN A 6 -17.86 3.33 -10.31
N PHE A 7 -16.55 3.07 -10.28
CA PHE A 7 -15.67 3.74 -9.33
C PHE A 7 -14.68 4.65 -10.05
N GLY A 8 -13.90 5.40 -9.28
CA GLY A 8 -12.93 6.31 -9.87
C GLY A 8 -13.28 7.76 -9.63
N SER A 9 -13.95 8.04 -8.51
CA SER A 9 -14.34 9.40 -8.17
C SER A 9 -13.18 10.17 -7.56
N ALA A 10 -12.49 10.96 -8.39
CA ALA A 10 -11.36 11.75 -7.93
C ALA A 10 -11.82 13.03 -7.25
N SER A 11 -11.00 13.54 -6.33
CA SER A 11 -11.32 14.76 -5.62
C SER A 11 -10.67 15.97 -6.27
N ALA A 12 -11.44 17.04 -6.43
CA ALA A 12 -10.93 18.26 -7.06
C ALA A 12 -10.31 19.17 -6.02
N LEU A 13 -9.16 19.76 -6.37
CA LEU A 13 -8.45 20.66 -5.46
C LEU A 13 -8.46 22.09 -6.01
N SER A 14 -9.07 23.00 -5.25
CA SER A 14 -9.14 24.40 -5.65
C SER A 14 -7.97 25.20 -5.09
N THR A 15 -7.73 26.37 -5.66
CA THR A 15 -6.63 27.23 -5.22
C THR A 15 -7.00 27.96 -3.93
N SER A 16 -6.10 27.92 -2.95
CA SER A 16 -6.34 28.57 -1.67
C SER A 16 -5.15 29.47 -1.30
N PRO A 17 -5.42 30.67 -0.76
CA PRO A 17 -4.36 31.61 -0.36
C PRO A 17 -3.35 30.97 0.58
N LEU A 18 -2.35 31.76 0.98
CA LEU A 18 -1.32 31.27 1.88
C LEU A 18 -1.63 31.67 3.32
N ALA A 19 -2.28 32.82 3.49
CA ALA A 19 -2.63 33.31 4.81
C ALA A 19 -3.69 32.42 5.46
N SER A 20 -3.28 31.67 6.47
CA SER A 20 -4.19 30.78 7.18
C SER A 20 -4.77 29.73 6.24
N VAL A 21 -4.25 28.52 6.32
CA VAL A 21 -4.72 27.42 5.46
C VAL A 21 -5.58 26.44 6.25
N ALA A 22 -6.80 26.22 5.79
CA ALA A 22 -7.72 25.30 6.45
C ALA A 22 -7.48 23.87 5.99
N LEU A 23 -7.61 22.92 6.92
CA LEU A 23 -7.41 21.51 6.60
C LEU A 23 -8.74 20.77 6.58
N SER A 24 -8.90 19.89 5.59
CA SER A 24 -10.13 19.12 5.45
C SER A 24 -9.83 17.70 4.98
N ALA A 25 -9.03 17.59 3.91
CA ALA A 25 -8.67 16.30 3.36
C ALA A 25 -7.33 15.81 3.93
N ALA A 26 -7.30 14.58 4.40
CA ALA A 26 -6.10 14.00 4.98
C ALA A 26 -5.67 12.76 4.21
N ALA A 27 -4.38 12.67 3.89
CA ALA A 27 -3.84 11.54 3.15
C ALA A 27 -4.08 10.24 3.92
N ALA A 28 -5.16 9.55 3.58
CA ALA A 28 -5.51 8.29 4.23
C ALA A 28 -4.88 7.11 3.50
N ALA A 29 -4.67 6.02 4.23
CA ALA A 29 -4.08 4.81 3.66
C ALA A 29 -4.96 4.26 2.54
N ALA A 30 -4.38 4.10 1.36
CA ALA A 30 -5.13 3.59 0.21
C ALA A 30 -5.00 2.07 0.10
N ALA A 31 -5.82 1.36 0.85
CA ALA A 31 -5.84 -0.09 0.84
C ALA A 31 -5.90 -0.65 -0.58
N GLY A 32 -5.94 -1.98 -0.69
CA GLY A 32 -6.01 -2.66 -1.99
C GLY A 32 -6.26 -1.74 -3.17
N LYS A 33 -5.21 -1.03 -3.55
CA LYS A 33 -5.23 -0.04 -4.63
C LYS A 33 -5.69 -0.64 -5.97
N GLN A 34 -5.41 0.07 -7.06
CA GLN A 34 -5.86 -0.31 -8.40
C GLN A 34 -5.80 -1.81 -8.68
N ILE A 35 -6.63 -2.24 -9.65
CA ILE A 35 -6.74 -3.63 -10.06
C ILE A 35 -5.41 -4.30 -10.32
N GLU A 36 -5.46 -5.54 -10.81
CA GLU A 36 -4.26 -6.31 -11.08
C GLU A 36 -3.96 -6.48 -12.57
N GLY A 37 -2.71 -6.84 -12.84
CA GLY A 37 -2.23 -7.06 -14.19
C GLY A 37 -1.23 -8.19 -14.23
N PRO A 38 -0.50 -8.38 -15.35
CA PRO A 38 0.51 -9.44 -15.46
C PRO A 38 1.39 -9.53 -14.21
N GLU A 39 1.38 -10.70 -13.58
CA GLU A 39 2.16 -10.93 -12.36
C GLU A 39 3.62 -11.24 -12.65
N GLY A 40 4.43 -11.23 -11.59
CA GLY A 40 5.84 -11.52 -11.71
C GLY A 40 6.74 -10.46 -11.10
N CYS A 41 6.13 -9.47 -10.45
CA CYS A 41 6.81 -8.37 -9.84
C CYS A 41 6.43 -8.32 -8.39
N ASN A 42 6.17 -9.46 -7.75
CA ASN A 42 5.57 -9.40 -6.42
C ASN A 42 6.56 -9.56 -5.31
N LEU A 43 6.17 -8.98 -4.19
CA LEU A 43 6.98 -8.94 -3.01
C LEU A 43 6.15 -9.32 -1.79
N PHE A 44 6.76 -10.10 -0.92
CA PHE A 44 6.13 -10.53 0.31
C PHE A 44 7.02 -10.05 1.41
N ILE A 45 6.52 -9.21 2.27
CA ILE A 45 7.34 -8.68 3.31
C ILE A 45 6.79 -9.02 4.65
N TYR A 46 7.60 -9.11 5.68
CA TYR A 46 7.00 -9.33 6.98
C TYR A 46 7.76 -8.65 8.08
N HIS A 47 7.35 -7.44 8.43
CA HIS A 47 7.83 -6.83 9.63
C HIS A 47 6.73 -6.24 10.50
N LEU A 48 5.76 -5.69 9.76
CA LEU A 48 4.69 -4.89 10.35
C LEU A 48 3.64 -5.56 11.18
N PRO A 49 3.04 -4.74 12.07
CA PRO A 49 1.99 -5.17 12.96
C PRO A 49 0.62 -5.06 12.29
N GLN A 50 -0.38 -5.54 12.98
CA GLN A 50 -1.75 -5.53 12.48
C GLN A 50 -2.21 -4.16 11.99
N GLU A 51 -1.58 -3.09 12.47
CA GLU A 51 -1.97 -1.74 12.11
C GLU A 51 -1.37 -1.22 10.81
N PHE A 52 -0.41 -1.95 10.23
CA PHE A 52 0.21 -1.50 9.00
C PHE A 52 -0.67 -1.80 7.79
N THR A 53 -0.92 -0.78 6.97
CA THR A 53 -1.74 -0.94 5.78
C THR A 53 -0.88 -1.34 4.59
N ASP A 54 -1.50 -2.07 3.67
CA ASP A 54 -0.82 -2.54 2.48
C ASP A 54 -0.49 -1.39 1.56
N THR A 55 -1.28 -0.33 1.64
CA THR A 55 -1.12 0.82 0.77
C THR A 55 0.28 1.44 0.85
N ASP A 56 0.95 1.37 1.99
CA ASP A 56 2.28 1.97 2.10
C ASP A 56 3.28 1.31 1.15
N LEU A 57 3.32 -0.01 1.14
CA LEU A 57 4.23 -0.73 0.26
C LEU A 57 3.82 -0.58 -1.21
N ALA A 58 2.53 -0.79 -1.48
CA ALA A 58 2.00 -0.69 -2.84
C ALA A 58 2.37 0.62 -3.49
N SER A 59 2.34 1.69 -2.73
CA SER A 59 2.66 3.02 -3.21
C SER A 59 4.14 3.16 -3.51
N THR A 60 4.98 2.70 -2.58
CA THR A 60 6.42 2.78 -2.76
C THR A 60 6.86 2.17 -4.10
N PHE A 61 6.50 0.92 -4.34
CA PHE A 61 6.85 0.23 -5.60
C PHE A 61 6.00 0.69 -6.79
N LEU A 62 4.93 1.42 -6.52
CA LEU A 62 3.95 1.73 -7.58
C LEU A 62 4.58 2.08 -8.90
N PRO A 63 5.74 2.73 -8.96
CA PRO A 63 6.36 3.00 -10.25
C PRO A 63 6.44 1.73 -11.12
N PHE A 64 6.56 0.51 -10.51
CA PHE A 64 6.72 -0.70 -11.35
C PHE A 64 5.59 -0.99 -12.35
N GLY A 65 4.40 -1.21 -11.84
CA GLY A 65 3.22 -1.50 -12.64
C GLY A 65 2.01 -0.76 -12.21
N ASN A 66 0.99 -1.63 -12.21
CA ASN A 66 -0.30 -1.36 -11.64
C ASN A 66 -0.21 -2.05 -10.28
N VAL A 67 -0.58 -1.35 -9.22
CA VAL A 67 -0.46 -1.86 -7.85
C VAL A 67 -1.69 -2.59 -7.34
N ILE A 68 -1.44 -3.81 -6.88
CA ILE A 68 -2.45 -4.66 -6.28
C ILE A 68 -2.04 -4.96 -4.85
N SER A 69 -2.42 -4.13 -3.90
CA SER A 69 -1.97 -4.35 -2.53
C SER A 69 -3.00 -5.00 -1.62
N ALA A 70 -2.47 -5.74 -0.64
CA ALA A 70 -3.25 -6.46 0.35
C ALA A 70 -2.46 -6.47 1.67
N LYS A 71 -3.10 -6.73 2.81
CA LYS A 71 -2.36 -6.74 4.09
C LYS A 71 -2.66 -7.96 4.95
N VAL A 72 -1.65 -8.40 5.73
CA VAL A 72 -1.78 -9.55 6.62
C VAL A 72 -1.34 -9.21 8.06
N PHE A 73 -2.37 -9.08 8.92
CA PHE A 73 -2.17 -8.72 10.33
C PHE A 73 -1.89 -9.94 11.18
N ILE A 74 -0.79 -9.87 11.91
CA ILE A 74 -0.35 -10.94 12.79
C ILE A 74 -0.05 -10.42 14.20
N ASP A 75 -0.46 -11.19 15.18
CA ASP A 75 -0.26 -10.87 16.59
C ASP A 75 -0.32 -12.16 17.40
N LYS A 76 0.47 -12.27 18.47
CA LYS A 76 0.40 -13.48 19.27
C LYS A 76 -1.06 -13.78 19.53
N GLN A 77 -1.74 -12.90 20.26
CA GLN A 77 -3.16 -13.10 20.46
C GLN A 77 -3.94 -12.18 19.54
N THR A 78 -3.97 -10.88 19.86
CA THR A 78 -4.58 -9.91 18.99
C THR A 78 -3.70 -8.67 18.90
N SER A 79 -3.20 -8.30 20.08
CA SER A 79 -2.37 -7.11 20.28
C SER A 79 -0.89 -7.38 20.37
N LEU A 80 -0.48 -8.58 20.13
CA LEU A 80 0.90 -8.96 20.31
C LEU A 80 1.82 -8.85 19.07
N SER A 81 2.83 -9.71 19.04
CA SER A 81 3.90 -9.69 18.02
C SER A 81 3.53 -9.07 16.66
N LYS A 82 4.61 -8.73 15.94
CA LYS A 82 4.59 -8.08 14.63
C LYS A 82 3.78 -8.83 13.59
N CYS A 83 3.91 -8.38 12.33
CA CYS A 83 3.17 -9.02 11.21
C CYS A 83 3.74 -8.73 9.82
N PHE A 84 3.00 -9.10 8.77
CA PHE A 84 3.49 -8.90 7.43
C PHE A 84 2.44 -8.34 6.50
N GLY A 85 2.92 -7.80 5.42
CA GLY A 85 2.08 -7.26 4.38
C GLY A 85 2.40 -7.89 3.04
N PHE A 86 1.43 -7.85 2.15
CA PHE A 86 1.59 -8.39 0.81
C PHE A 86 1.48 -7.25 -0.17
N VAL A 87 2.41 -7.17 -1.10
CA VAL A 87 2.33 -6.13 -2.11
C VAL A 87 2.65 -6.75 -3.44
N SER A 88 1.66 -6.82 -4.30
CA SER A 88 1.79 -7.45 -5.60
C SER A 88 1.94 -6.44 -6.74
N PHE A 89 3.09 -6.43 -7.40
CA PHE A 89 3.35 -5.54 -8.48
C PHE A 89 3.23 -6.26 -9.82
N ASP A 90 2.44 -5.64 -10.72
CA ASP A 90 2.24 -6.23 -12.03
C ASP A 90 2.77 -5.31 -13.13
N ASN A 91 4.06 -5.50 -13.45
CA ASN A 91 4.77 -4.72 -14.44
C ASN A 91 6.00 -5.48 -14.93
N PRO A 92 6.91 -4.81 -15.69
CA PRO A 92 8.16 -5.39 -16.14
C PRO A 92 9.14 -5.50 -14.96
N ASP A 93 10.33 -6.04 -15.21
CA ASP A 93 11.37 -6.23 -14.21
C ASP A 93 11.63 -4.97 -13.39
N SER A 94 11.25 -3.81 -13.92
CA SER A 94 11.50 -2.55 -13.20
C SER A 94 11.01 -2.68 -11.76
N ALA A 95 9.98 -3.48 -11.53
CA ALA A 95 9.49 -3.71 -10.20
C ALA A 95 10.54 -4.45 -9.42
N GLN A 96 11.25 -5.34 -10.10
CA GLN A 96 12.30 -6.09 -9.43
C GLN A 96 13.21 -5.10 -8.71
N VAL A 97 13.52 -4.02 -9.41
CA VAL A 97 14.33 -2.95 -8.86
C VAL A 97 13.66 -2.30 -7.66
N ALA A 98 12.36 -2.05 -7.77
CA ALA A 98 11.59 -1.44 -6.68
C ALA A 98 11.75 -2.18 -5.35
N ILE A 99 11.72 -3.51 -5.45
CA ILE A 99 11.79 -4.41 -4.30
C ILE A 99 13.17 -4.57 -3.67
N LYS A 100 14.17 -4.95 -4.46
CA LYS A 100 15.50 -5.17 -3.89
C LYS A 100 16.08 -3.86 -3.37
N ALA A 101 15.63 -2.77 -3.97
CA ALA A 101 16.11 -1.46 -3.59
C ALA A 101 15.56 -0.97 -2.26
N MET A 102 14.28 -1.25 -1.96
CA MET A 102 13.70 -0.71 -0.73
C MET A 102 12.91 -1.69 0.15
N ASN A 103 13.35 -1.76 1.40
CA ASN A 103 12.66 -2.48 2.47
C ASN A 103 11.34 -1.75 2.66
N GLY A 104 10.35 -2.32 3.31
CA GLY A 104 9.09 -1.59 3.36
C GLY A 104 8.58 -1.21 4.73
N PHE A 105 9.21 -1.61 5.84
CA PHE A 105 8.68 -1.09 7.11
C PHE A 105 9.75 -0.49 8.04
N GLN A 106 9.67 0.84 8.15
CA GLN A 106 10.53 1.65 9.01
C GLN A 106 9.86 2.09 10.32
N VAL A 107 10.33 1.58 11.43
CA VAL A 107 9.86 1.98 12.77
C VAL A 107 11.09 2.43 13.56
N GLY A 108 10.97 3.27 14.59
CA GLY A 108 12.18 3.71 15.26
C GLY A 108 13.18 2.58 15.45
N THR A 109 12.71 1.37 15.68
CA THR A 109 13.62 0.22 15.62
C THR A 109 12.82 -0.97 15.11
N LYS A 110 12.66 -1.05 13.81
CA LYS A 110 11.96 -2.16 13.20
C LYS A 110 12.20 -2.15 11.71
N ARG A 111 12.92 -3.08 11.14
CA ARG A 111 13.07 -3.06 9.70
C ARG A 111 12.38 -4.26 9.10
N LEU A 112 11.57 -4.01 8.08
CA LEU A 112 10.80 -5.05 7.47
C LEU A 112 11.59 -5.88 6.52
N LYS A 113 11.28 -7.18 6.51
CA LYS A 113 12.01 -8.05 5.60
C LYS A 113 11.38 -8.06 4.23
N VAL A 114 12.05 -7.47 3.24
CA VAL A 114 11.54 -7.42 1.91
C VAL A 114 12.04 -8.62 1.10
N GLN A 115 11.16 -9.58 0.88
CA GLN A 115 11.47 -10.78 0.11
C GLN A 115 10.98 -10.57 -1.31
N LEU A 116 11.86 -10.80 -2.28
CA LEU A 116 11.54 -10.57 -3.68
C LEU A 116 11.16 -11.84 -4.45
N LYS A 117 10.14 -11.74 -5.33
CA LYS A 117 9.67 -12.85 -6.14
C LYS A 117 9.20 -12.32 -7.51
N LYS A 118 10.16 -12.28 -8.44
CA LYS A 118 9.91 -11.77 -9.78
C LYS A 118 9.67 -12.90 -10.79
N ALA A 1 -2.79 11.67 -7.16
CA ALA A 1 -1.63 12.20 -7.87
C ALA A 1 -0.34 11.82 -7.15
N ALA A 2 0.57 11.19 -7.88
CA ALA A 2 1.85 10.77 -7.32
C ALA A 2 2.98 11.66 -7.82
N GLY A 3 2.70 12.95 -7.98
CA GLY A 3 3.70 13.88 -8.45
C GLY A 3 3.47 14.31 -9.89
N LEU A 4 2.69 13.53 -10.63
CA LEU A 4 2.40 13.85 -12.02
C LEU A 4 0.92 14.21 -12.20
N PRO A 5 0.60 15.51 -12.22
CA PRO A 5 -0.76 16.00 -12.37
C PRO A 5 -1.08 16.41 -13.79
N GLN A 6 -2.37 16.37 -14.13
CA GLN A 6 -2.81 16.76 -15.46
C GLN A 6 -3.47 18.13 -15.43
N PHE A 7 -3.79 18.66 -16.60
CA PHE A 7 -4.43 19.97 -16.72
C PHE A 7 -5.95 19.84 -16.60
N GLY A 8 -6.49 20.29 -15.47
CA GLY A 8 -7.92 20.21 -15.27
C GLY A 8 -8.31 19.17 -14.22
N SER A 9 -7.40 18.92 -13.28
CA SER A 9 -7.65 17.96 -12.22
C SER A 9 -7.79 18.64 -10.87
N ALA A 10 -8.26 17.90 -9.87
CA ALA A 10 -8.44 18.44 -8.53
C ALA A 10 -7.21 18.18 -7.66
N SER A 11 -6.99 19.06 -6.70
CA SER A 11 -5.85 18.93 -5.79
C SER A 11 -6.08 17.80 -4.78
N ALA A 12 -5.01 17.37 -4.13
CA ALA A 12 -5.09 16.30 -3.14
C ALA A 12 -5.47 16.85 -1.77
N LEU A 13 -6.65 16.47 -1.28
CA LEU A 13 -7.13 16.93 0.01
C LEU A 13 -7.18 15.77 1.01
N SER A 14 -6.43 15.90 2.09
CA SER A 14 -6.39 14.87 3.13
C SER A 14 -7.41 15.15 4.22
N THR A 15 -8.21 14.14 4.55
CA THR A 15 -9.24 14.28 5.58
C THR A 15 -8.68 13.86 6.94
N SER A 16 -9.39 14.24 8.00
CA SER A 16 -8.98 13.91 9.36
C SER A 16 -10.06 13.10 10.07
N PRO A 17 -9.66 12.15 10.94
CA PRO A 17 -10.60 11.30 11.68
C PRO A 17 -11.64 12.12 12.44
N LEU A 18 -12.83 11.57 12.57
CA LEU A 18 -13.91 12.25 13.29
C LEU A 18 -13.98 11.79 14.73
N ALA A 19 -13.93 10.47 14.94
CA ALA A 19 -13.99 9.90 16.27
C ALA A 19 -15.29 10.28 16.98
N SER A 20 -16.35 10.44 16.20
CA SER A 20 -17.66 10.82 16.76
C SER A 20 -18.39 9.59 17.27
N VAL A 21 -18.45 8.54 16.44
CA VAL A 21 -19.13 7.31 16.82
C VAL A 21 -18.13 6.26 17.30
N ALA A 22 -18.58 5.40 18.22
CA ALA A 22 -17.73 4.36 18.77
C ALA A 22 -17.25 3.42 17.68
N LEU A 23 -16.15 2.71 17.95
CA LEU A 23 -15.58 1.78 16.99
C LEU A 23 -16.59 0.69 16.62
N SER A 24 -16.98 0.66 15.35
CA SER A 24 -17.94 -0.34 14.88
C SER A 24 -17.42 -1.03 13.62
N ALA A 25 -18.24 -1.92 13.06
CA ALA A 25 -17.86 -2.65 11.86
C ALA A 25 -17.90 -1.74 10.63
N ALA A 26 -16.77 -1.65 9.94
CA ALA A 26 -16.67 -0.81 8.74
C ALA A 26 -16.42 -1.67 7.50
N ALA A 27 -16.84 -1.15 6.36
CA ALA A 27 -16.66 -1.86 5.09
C ALA A 27 -15.19 -2.06 4.78
N ALA A 28 -14.89 -3.00 3.89
CA ALA A 28 -13.52 -3.29 3.51
C ALA A 28 -12.94 -2.17 2.66
N ALA A 29 -11.60 -2.11 2.60
CA ALA A 29 -10.92 -1.08 1.83
C ALA A 29 -10.70 -1.52 0.39
N ALA A 30 -10.35 -0.57 -0.47
CA ALA A 30 -10.11 -0.87 -1.88
C ALA A 30 -8.65 -1.26 -2.12
N ALA A 31 -8.38 -1.80 -3.30
CA ALA A 31 -7.03 -2.21 -3.65
C ALA A 31 -6.21 -1.03 -4.16
N GLY A 32 -5.10 -0.75 -3.47
CA GLY A 32 -4.24 0.36 -3.85
C GLY A 32 -4.05 0.52 -5.35
N LYS A 33 -4.07 -0.58 -6.10
CA LYS A 33 -3.86 -0.51 -7.55
C LYS A 33 -4.71 -1.52 -8.32
N GLN A 34 -4.34 -1.74 -9.58
CA GLN A 34 -5.05 -2.63 -10.49
C GLN A 34 -5.54 -3.92 -9.83
N ILE A 35 -6.50 -4.58 -10.49
CA ILE A 35 -7.10 -5.83 -10.02
C ILE A 35 -6.10 -6.98 -10.00
N GLU A 36 -6.57 -8.14 -9.52
CA GLU A 36 -5.74 -9.34 -9.41
C GLU A 36 -5.32 -9.91 -10.77
N GLY A 37 -4.11 -10.47 -10.79
CA GLY A 37 -3.57 -11.07 -12.00
C GLY A 37 -2.72 -12.30 -11.70
N PRO A 38 -1.96 -12.81 -12.69
CA PRO A 38 -1.09 -13.99 -12.50
C PRO A 38 -0.08 -13.82 -11.37
N GLU A 39 -0.24 -14.63 -10.32
CA GLU A 39 0.63 -14.59 -9.15
C GLU A 39 2.00 -15.23 -9.41
N GLY A 40 2.90 -15.06 -8.43
CA GLY A 40 4.24 -15.62 -8.55
C GLY A 40 5.34 -14.60 -8.26
N CYS A 41 4.97 -13.34 -8.17
CA CYS A 41 5.87 -12.24 -7.92
C CYS A 41 5.38 -11.48 -6.69
N ASN A 42 4.75 -12.16 -5.74
CA ASN A 42 4.07 -11.43 -4.67
C ASN A 42 4.89 -11.36 -3.41
N LEU A 43 4.71 -10.27 -2.69
CA LEU A 43 5.46 -10.02 -1.49
C LEU A 43 4.56 -9.66 -0.31
N PHE A 44 5.10 -9.92 0.86
CA PHE A 44 4.46 -9.59 2.10
C PHE A 44 5.43 -8.72 2.84
N ILE A 45 5.05 -7.48 3.11
CA ILE A 45 5.97 -6.59 3.78
C ILE A 45 5.39 -6.16 5.08
N TYR A 46 6.19 -5.95 6.10
CA TYR A 46 5.58 -5.46 7.31
C TYR A 46 6.46 -4.51 8.09
N HIS A 47 6.27 -3.21 7.90
CA HIS A 47 6.90 -2.28 8.79
C HIS A 47 5.97 -1.22 9.36
N LEU A 48 5.07 -0.79 8.49
CA LEU A 48 4.23 0.36 8.77
C LEU A 48 2.89 0.21 9.39
N PRO A 49 2.59 1.16 10.31
CA PRO A 49 1.29 1.26 10.94
C PRO A 49 0.19 1.43 9.91
N GLN A 50 -1.02 1.41 10.40
CA GLN A 50 -2.22 1.53 9.59
C GLN A 50 -2.21 2.73 8.61
N GLU A 51 -1.39 3.74 8.89
CA GLU A 51 -1.35 4.93 8.05
C GLU A 51 -0.61 4.74 6.74
N PHE A 52 0.01 3.58 6.55
CA PHE A 52 0.74 3.34 5.33
C PHE A 52 -0.10 2.61 4.28
N THR A 53 -0.05 3.11 3.04
CA THR A 53 -0.80 2.50 1.94
C THR A 53 0.10 1.64 1.07
N ASP A 54 -0.49 0.62 0.49
CA ASP A 54 0.22 -0.30 -0.37
C ASP A 54 0.61 0.34 -1.69
N THR A 55 -0.15 1.34 -2.10
CA THR A 55 0.10 1.99 -3.37
C THR A 55 1.53 2.51 -3.48
N ASP A 56 2.15 2.88 -2.36
CA ASP A 56 3.52 3.37 -2.39
C ASP A 56 4.52 2.28 -2.77
N LEU A 57 4.40 1.11 -2.15
CA LEU A 57 5.32 0.01 -2.46
C LEU A 57 5.17 -0.42 -3.93
N ALA A 58 3.92 -0.59 -4.37
CA ALA A 58 3.64 -0.97 -5.75
C ALA A 58 4.32 -0.02 -6.73
N SER A 59 4.10 1.27 -6.57
CA SER A 59 4.68 2.28 -7.44
C SER A 59 6.21 2.19 -7.51
N THR A 60 6.85 1.93 -6.38
CA THR A 60 8.31 1.86 -6.33
C THR A 60 8.87 0.71 -7.18
N PHE A 61 8.42 -0.51 -6.90
CA PHE A 61 8.83 -1.73 -7.62
C PHE A 61 8.17 -1.88 -9.00
N LEU A 62 7.29 -0.94 -9.36
CA LEU A 62 6.40 -1.05 -10.52
C LEU A 62 6.99 -1.73 -11.74
N PRO A 63 8.30 -1.69 -12.12
CA PRO A 63 8.72 -2.51 -13.26
C PRO A 63 7.92 -3.84 -13.19
N PHE A 64 7.60 -4.16 -11.92
CA PHE A 64 6.73 -5.25 -11.47
C PHE A 64 5.34 -5.20 -12.18
N GLY A 65 5.34 -5.29 -13.51
CA GLY A 65 4.15 -5.14 -14.33
C GLY A 65 2.82 -5.19 -13.60
N ASN A 66 1.90 -6.06 -13.99
CA ASN A 66 0.56 -6.01 -13.40
C ASN A 66 0.64 -5.76 -11.89
N VAL A 67 0.11 -4.63 -11.46
CA VAL A 67 0.20 -4.24 -10.06
C VAL A 67 -1.12 -4.31 -9.30
N ILE A 68 -1.19 -5.23 -8.35
CA ILE A 68 -2.37 -5.40 -7.51
C ILE A 68 -2.01 -5.13 -6.06
N SER A 69 -2.42 -4.02 -5.48
CA SER A 69 -2.03 -3.73 -4.09
C SER A 69 -3.19 -3.71 -3.10
N ALA A 70 -2.87 -4.10 -1.86
CA ALA A 70 -3.81 -4.14 -0.75
C ALA A 70 -3.11 -3.70 0.54
N LYS A 71 -3.84 -3.31 1.59
CA LYS A 71 -3.18 -2.86 2.83
C LYS A 71 -3.62 -3.64 4.08
N VAL A 72 -2.68 -3.76 5.04
CA VAL A 72 -2.89 -4.47 6.31
C VAL A 72 -2.62 -3.57 7.53
N PHE A 73 -3.73 -3.03 8.06
CA PHE A 73 -3.71 -2.14 9.22
C PHE A 73 -4.06 -2.86 10.52
N ILE A 74 -3.42 -2.39 11.58
CA ILE A 74 -3.59 -2.92 12.94
C ILE A 74 -4.13 -1.81 13.84
N ASP A 75 -4.50 -2.12 15.07
CA ASP A 75 -5.04 -1.10 15.97
C ASP A 75 -3.93 -0.44 16.78
N LYS A 76 -3.40 0.62 16.18
CA LYS A 76 -2.31 1.42 16.74
C LYS A 76 -2.83 2.69 17.40
N GLN A 77 -4.15 2.84 17.43
CA GLN A 77 -4.77 4.05 17.97
C GLN A 77 -4.06 4.50 19.22
N THR A 78 -4.15 3.70 20.25
CA THR A 78 -3.48 3.99 21.48
C THR A 78 -2.67 2.78 21.92
N SER A 79 -2.65 1.72 21.10
CA SER A 79 -1.94 0.54 21.53
C SER A 79 -0.50 0.43 21.04
N LEU A 80 -0.31 0.29 19.73
CA LEU A 80 1.04 0.20 19.16
C LEU A 80 1.04 0.61 17.69
N SER A 81 2.00 1.43 17.25
CA SER A 81 2.01 1.77 15.84
C SER A 81 3.05 0.94 15.08
N LYS A 82 2.58 -0.22 14.63
CA LYS A 82 3.38 -1.15 13.84
C LYS A 82 2.46 -1.86 12.85
N CYS A 83 2.70 -1.78 11.54
CA CYS A 83 1.79 -2.51 10.63
C CYS A 83 2.44 -2.94 9.31
N PHE A 84 1.66 -3.66 8.48
CA PHE A 84 2.21 -4.16 7.25
C PHE A 84 1.26 -4.00 6.09
N GLY A 85 1.83 -4.11 4.93
CA GLY A 85 1.07 -4.06 3.70
C GLY A 85 1.22 -5.36 2.91
N PHE A 86 0.27 -5.58 2.01
CA PHE A 86 0.31 -6.74 1.14
C PHE A 86 0.48 -6.26 -0.27
N VAL A 87 1.35 -6.89 -0.99
CA VAL A 87 1.54 -6.51 -2.36
C VAL A 87 1.50 -7.73 -3.24
N SER A 88 0.96 -7.59 -4.43
CA SER A 88 0.83 -8.70 -5.35
C SER A 88 1.31 -8.36 -6.76
N PHE A 89 2.46 -8.93 -7.14
CA PHE A 89 3.04 -8.69 -8.46
C PHE A 89 2.77 -9.84 -9.42
N ASP A 90 2.30 -9.43 -10.60
CA ASP A 90 2.02 -10.31 -11.70
C ASP A 90 2.83 -9.84 -12.92
N ASN A 91 4.06 -10.34 -12.98
CA ASN A 91 4.97 -10.04 -14.07
C ASN A 91 6.07 -11.09 -14.10
N PRO A 92 7.06 -10.95 -15.00
CA PRO A 92 8.20 -11.84 -15.03
C PRO A 92 9.01 -11.65 -13.75
N ASP A 93 10.08 -12.42 -13.60
CA ASP A 93 10.93 -12.33 -12.42
C ASP A 93 11.31 -10.87 -12.14
N SER A 94 11.23 -10.02 -13.17
CA SER A 94 11.58 -8.61 -13.00
C SER A 94 10.86 -8.02 -11.79
N ALA A 95 9.62 -8.44 -11.53
CA ALA A 95 8.91 -7.98 -10.36
C ALA A 95 9.61 -8.51 -9.13
N GLN A 96 10.02 -9.78 -9.19
CA GLN A 96 10.72 -10.39 -8.08
C GLN A 96 11.96 -9.58 -7.74
N VAL A 97 12.70 -9.20 -8.77
CA VAL A 97 13.91 -8.41 -8.60
C VAL A 97 13.60 -7.10 -7.87
N ALA A 98 12.48 -6.48 -8.19
CA ALA A 98 12.07 -5.24 -7.57
C ALA A 98 11.86 -5.42 -6.07
N ILE A 99 11.35 -6.59 -5.69
CA ILE A 99 11.06 -6.89 -4.29
C ILE A 99 12.28 -7.17 -3.42
N LYS A 100 13.13 -8.11 -3.82
CA LYS A 100 14.29 -8.48 -3.01
C LYS A 100 15.30 -7.36 -2.97
N ALA A 101 15.44 -6.67 -4.08
CA ALA A 101 16.40 -5.60 -4.19
C ALA A 101 15.95 -4.32 -3.48
N MET A 102 14.66 -4.18 -3.20
CA MET A 102 14.19 -2.94 -2.58
C MET A 102 13.24 -3.09 -1.39
N ASN A 103 13.67 -2.48 -0.28
CA ASN A 103 12.87 -2.34 0.93
C ASN A 103 11.71 -1.43 0.54
N GLY A 104 10.62 -1.38 1.28
CA GLY A 104 9.53 -0.58 0.77
C GLY A 104 9.09 0.58 1.64
N PHE A 105 9.49 0.67 2.91
CA PHE A 105 9.07 1.88 3.64
C PHE A 105 10.17 2.60 4.40
N GLN A 106 10.44 3.82 3.92
CA GLN A 106 11.41 4.73 4.51
C GLN A 106 10.76 5.81 5.39
N VAL A 107 11.00 5.72 6.69
CA VAL A 107 10.52 6.71 7.68
C VAL A 107 11.74 7.22 8.42
N GLY A 108 11.73 8.43 9.01
CA GLY A 108 12.96 8.89 9.65
C GLY A 108 13.65 7.78 10.43
N THR A 109 12.90 6.86 11.02
CA THR A 109 13.55 5.67 11.55
C THR A 109 12.56 4.53 11.45
N LYS A 110 12.47 3.94 10.28
CA LYS A 110 11.60 2.82 10.06
C LYS A 110 11.89 2.17 8.73
N ARG A 111 12.42 0.97 8.68
CA ARG A 111 12.64 0.35 7.40
C ARG A 111 11.72 -0.85 7.27
N LEU A 112 11.01 -0.92 6.16
CA LEU A 112 10.02 -1.96 5.96
C LEU A 112 10.63 -3.27 5.56
N LYS A 113 10.14 -4.37 6.17
CA LYS A 113 10.71 -5.66 5.82
C LYS A 113 10.05 -6.25 4.59
N VAL A 114 10.77 -6.26 3.46
CA VAL A 114 10.22 -6.79 2.23
C VAL A 114 10.61 -8.27 2.09
N GLN A 115 9.62 -9.13 2.32
CA GLN A 115 9.81 -10.57 2.22
C GLN A 115 9.20 -11.07 0.91
N LEU A 116 10.05 -11.36 -0.07
CA LEU A 116 9.60 -11.78 -1.40
C LEU A 116 9.24 -13.27 -1.48
N LYS A 117 8.24 -13.58 -2.33
CA LYS A 117 7.77 -14.94 -2.56
C LYS A 117 7.24 -15.11 -4.00
N LYS A 118 7.88 -16.04 -4.71
CA LYS A 118 7.53 -16.33 -6.09
C LYS A 118 6.99 -17.76 -6.23
N ALA A 1 -38.94 1.21 7.90
CA ALA A 1 -37.97 1.86 8.77
C ALA A 1 -37.87 1.15 10.11
N ALA A 2 -36.65 0.83 10.52
CA ALA A 2 -36.42 0.15 11.79
C ALA A 2 -36.57 1.10 12.96
N GLY A 3 -36.05 2.32 12.80
CA GLY A 3 -36.14 3.31 13.86
C GLY A 3 -35.06 3.13 14.91
N LEU A 4 -33.94 2.55 14.51
CA LEU A 4 -32.83 2.32 15.43
C LEU A 4 -31.65 3.23 15.10
N PRO A 5 -31.01 3.84 16.12
CA PRO A 5 -29.89 4.73 15.94
C PRO A 5 -28.55 4.06 16.15
N GLN A 6 -27.50 4.66 15.60
CA GLN A 6 -26.15 4.13 15.76
C GLN A 6 -25.35 4.96 16.75
N PHE A 7 -24.86 4.30 17.79
CA PHE A 7 -24.07 4.99 18.82
C PHE A 7 -22.74 4.26 19.05
N GLY A 8 -21.66 5.03 19.15
CA GLY A 8 -20.35 4.44 19.37
C GLY A 8 -19.39 4.73 18.23
N SER A 9 -19.93 4.98 17.04
CA SER A 9 -19.11 5.27 15.87
C SER A 9 -18.22 6.49 16.12
N ALA A 10 -17.04 6.48 15.52
CA ALA A 10 -16.11 7.59 15.67
C ALA A 10 -16.30 8.63 14.58
N SER A 11 -15.95 9.88 14.87
CA SER A 11 -16.08 10.97 13.91
C SER A 11 -14.75 11.66 13.67
N ALA A 12 -14.54 12.13 12.44
CA ALA A 12 -13.31 12.80 12.07
C ALA A 12 -13.34 14.27 12.48
N LEU A 13 -12.32 14.71 13.20
CA LEU A 13 -12.24 16.11 13.64
C LEU A 13 -11.05 16.80 13.00
N SER A 14 -11.33 17.88 12.28
CA SER A 14 -10.27 18.64 11.62
C SER A 14 -9.65 19.65 12.58
N THR A 15 -8.45 20.13 12.23
CA THR A 15 -7.74 21.09 13.07
C THR A 15 -7.79 22.49 12.45
N SER A 16 -7.98 23.50 13.27
CA SER A 16 -8.04 24.88 12.80
C SER A 16 -6.67 25.54 12.91
N PRO A 17 -6.14 26.07 11.78
CA PRO A 17 -4.84 26.74 11.76
C PRO A 17 -4.75 27.86 12.80
N LEU A 18 -3.51 28.23 13.15
CA LEU A 18 -3.28 29.28 14.13
C LEU A 18 -1.91 29.92 13.93
N ALA A 19 -1.43 29.90 12.69
CA ALA A 19 -0.13 30.48 12.37
C ALA A 19 0.15 30.38 10.88
N SER A 20 -0.06 29.19 10.31
CA SER A 20 0.18 28.97 8.89
C SER A 20 -1.09 28.46 8.21
N VAL A 21 -0.98 28.16 6.92
CA VAL A 21 -2.12 27.66 6.15
C VAL A 21 -1.72 26.47 5.28
N ALA A 22 -2.47 25.38 5.40
CA ALA A 22 -2.19 24.18 4.63
C ALA A 22 -2.51 24.39 3.16
N LEU A 23 -1.54 24.13 2.30
CA LEU A 23 -1.72 24.29 0.86
C LEU A 23 -2.36 23.04 0.25
N SER A 24 -3.04 23.22 -0.87
CA SER A 24 -3.69 22.11 -1.55
C SER A 24 -2.71 21.39 -2.47
N ALA A 25 -2.21 20.24 -2.02
CA ALA A 25 -1.26 19.46 -2.79
C ALA A 25 -1.98 18.48 -3.72
N ALA A 26 -1.39 18.22 -4.88
CA ALA A 26 -1.97 17.32 -5.85
C ALA A 26 -2.07 15.90 -5.28
N ALA A 27 -3.15 15.21 -5.61
CA ALA A 27 -3.36 13.84 -5.13
C ALA A 27 -2.96 12.82 -6.18
N ALA A 28 -1.66 12.53 -6.27
CA ALA A 28 -1.15 11.57 -7.23
C ALA A 28 -1.69 10.17 -6.94
N ALA A 29 -2.04 9.44 -7.99
CA ALA A 29 -2.57 8.08 -7.83
C ALA A 29 -1.76 7.07 -8.63
N ALA A 30 -0.66 6.62 -8.04
CA ALA A 30 0.21 5.63 -8.69
C ALA A 30 -0.35 4.23 -8.49
N ALA A 31 -0.31 3.42 -9.55
CA ALA A 31 -0.82 2.06 -9.48
C ALA A 31 0.17 1.04 -10.03
N GLY A 32 -0.04 -0.21 -9.63
CA GLY A 32 0.79 -1.34 -10.04
C GLY A 32 1.69 -1.11 -11.24
N LYS A 33 2.74 -0.32 -11.05
CA LYS A 33 3.69 -0.09 -12.14
C LYS A 33 4.30 -1.44 -12.53
N GLN A 34 3.94 -1.94 -13.71
CA GLN A 34 4.41 -3.26 -14.15
C GLN A 34 5.43 -3.23 -15.28
N ILE A 35 6.54 -3.94 -15.07
CA ILE A 35 7.60 -4.07 -16.06
C ILE A 35 7.80 -5.56 -16.39
N GLU A 36 7.57 -5.92 -17.64
CA GLU A 36 7.72 -7.31 -18.08
C GLU A 36 9.04 -7.93 -17.61
N GLY A 37 8.96 -8.82 -16.61
CA GLY A 37 10.16 -9.46 -16.09
C GLY A 37 9.91 -10.91 -15.67
N PRO A 38 10.99 -11.67 -15.38
CA PRO A 38 10.89 -13.07 -14.96
C PRO A 38 10.55 -13.20 -13.47
N GLU A 39 9.60 -14.07 -13.16
CA GLU A 39 9.16 -14.30 -11.78
C GLU A 39 10.22 -15.03 -10.95
N GLY A 40 9.99 -15.08 -9.65
CA GLY A 40 10.91 -15.76 -8.75
C GLY A 40 11.31 -14.90 -7.57
N CYS A 41 10.91 -13.64 -7.58
CA CYS A 41 11.21 -12.67 -6.57
C CYS A 41 9.90 -12.12 -6.07
N ASN A 42 8.82 -12.90 -6.08
CA ASN A 42 7.50 -12.32 -5.81
C ASN A 42 7.10 -12.47 -4.37
N LEU A 43 6.56 -11.38 -3.86
CA LEU A 43 6.20 -11.23 -2.49
C LEU A 43 4.77 -10.80 -2.28
N PHE A 44 4.22 -11.28 -1.18
CA PHE A 44 2.90 -10.97 -0.74
C PHE A 44 3.05 -10.37 0.63
N ILE A 45 2.66 -9.14 0.77
CA ILE A 45 2.84 -8.48 2.04
C ILE A 45 1.53 -8.04 2.58
N TYR A 46 1.37 -7.98 3.88
CA TYR A 46 0.11 -7.45 4.35
C TYR A 46 0.26 -6.64 5.64
N HIS A 47 0.40 -5.35 5.51
CA HIS A 47 0.29 -4.48 6.65
C HIS A 47 -0.63 -3.30 6.43
N LEU A 48 -0.53 -2.83 5.18
CA LEU A 48 -1.16 -1.58 4.76
C LEU A 48 -2.64 -1.54 4.66
N PRO A 49 -3.21 -0.37 4.99
CA PRO A 49 -4.63 -0.12 4.91
C PRO A 49 -5.03 0.28 3.51
N GLN A 50 -6.32 0.42 3.31
CA GLN A 50 -6.87 0.78 2.00
C GLN A 50 -6.18 2.00 1.37
N GLU A 51 -5.54 2.84 2.17
CA GLU A 51 -4.90 4.05 1.66
C GLU A 51 -3.49 3.81 1.11
N PHE A 52 -3.01 2.57 1.15
CA PHE A 52 -1.67 2.30 0.65
C PHE A 52 -1.69 1.83 -0.80
N THR A 53 -0.70 2.28 -1.58
CA THR A 53 -0.59 1.89 -2.98
C THR A 53 0.59 0.96 -3.20
N ASP A 54 0.47 0.12 -4.22
CA ASP A 54 1.53 -0.83 -4.53
C ASP A 54 2.79 -0.11 -5.00
N THR A 55 2.58 1.07 -5.56
CA THR A 55 3.68 1.88 -6.05
C THR A 55 4.70 2.15 -4.96
N ASP A 56 4.27 2.21 -3.72
CA ASP A 56 5.21 2.47 -2.61
C ASP A 56 6.18 1.30 -2.40
N LEU A 57 5.67 0.07 -2.37
CA LEU A 57 6.55 -1.07 -2.18
C LEU A 57 7.51 -1.21 -3.33
N ALA A 58 7.04 -1.07 -4.56
CA ALA A 58 7.93 -1.20 -5.72
C ALA A 58 9.06 -0.15 -5.70
N SER A 59 8.73 1.07 -5.32
CA SER A 59 9.69 2.17 -5.28
C SER A 59 10.83 1.90 -4.30
N THR A 60 10.48 1.59 -3.06
CA THR A 60 11.51 1.32 -2.03
C THR A 60 12.39 0.13 -2.47
N PHE A 61 11.70 -0.79 -3.10
CA PHE A 61 12.17 -2.06 -3.63
C PHE A 61 13.00 -1.99 -4.92
N LEU A 62 13.04 -0.84 -5.57
CA LEU A 62 13.58 -0.71 -6.93
C LEU A 62 14.84 -1.53 -7.25
N PRO A 63 15.83 -1.77 -6.37
CA PRO A 63 16.96 -2.65 -6.77
C PRO A 63 16.39 -3.83 -7.58
N PHE A 64 15.22 -4.25 -7.08
CA PHE A 64 14.33 -5.27 -7.64
C PHE A 64 13.96 -5.04 -9.12
N GLY A 65 14.95 -4.99 -10.01
CA GLY A 65 14.73 -4.70 -11.41
C GLY A 65 13.28 -4.76 -11.88
N ASN A 66 12.96 -5.57 -12.89
CA ASN A 66 11.60 -5.52 -13.45
C ASN A 66 10.55 -5.43 -12.35
N VAL A 67 9.85 -4.29 -12.32
CA VAL A 67 8.84 -4.04 -11.29
C VAL A 67 7.41 -4.19 -11.77
N ILE A 68 6.73 -5.20 -11.23
CA ILE A 68 5.32 -5.45 -11.56
C ILE A 68 4.47 -5.33 -10.31
N SER A 69 3.82 -4.19 -10.07
CA SER A 69 3.05 -4.04 -8.83
C SER A 69 1.54 -4.11 -8.99
N ALA A 70 0.89 -4.43 -7.87
CA ALA A 70 -0.55 -4.54 -7.72
C ALA A 70 -0.93 -4.16 -6.29
N LYS A 71 -2.17 -3.75 -6.01
CA LYS A 71 -2.54 -3.38 -4.64
C LYS A 71 -3.84 -4.03 -4.15
N VAL A 72 -3.87 -4.37 -2.85
CA VAL A 72 -5.04 -5.00 -2.20
C VAL A 72 -5.50 -4.19 -0.98
N PHE A 73 -6.55 -3.38 -1.21
CA PHE A 73 -7.11 -2.52 -0.16
C PHE A 73 -8.14 -3.27 0.70
N ILE A 74 -7.88 -3.26 2.00
CA ILE A 74 -8.75 -3.90 2.98
C ILE A 74 -9.08 -2.95 4.12
N ASP A 75 -10.35 -2.91 4.47
CA ASP A 75 -10.86 -2.06 5.54
C ASP A 75 -12.14 -2.66 6.07
N LYS A 76 -12.41 -2.51 7.36
CA LYS A 76 -13.65 -3.04 7.91
C LYS A 76 -14.80 -2.57 7.05
N GLN A 77 -15.04 -1.26 7.01
CA GLN A 77 -16.09 -0.75 6.15
C GLN A 77 -15.48 -0.19 4.87
N THR A 78 -14.85 0.97 4.97
CA THR A 78 -14.14 1.53 3.84
C THR A 78 -12.80 2.08 4.29
N SER A 79 -12.87 2.74 5.43
CA SER A 79 -11.70 3.40 6.04
C SER A 79 -11.05 2.64 7.19
N LEU A 80 -11.71 1.60 7.64
CA LEU A 80 -11.27 0.87 8.81
C LEU A 80 -9.97 0.06 8.66
N SER A 81 -9.88 -1.04 9.41
CA SER A 81 -8.68 -1.88 9.52
C SER A 81 -7.73 -1.88 8.32
N LYS A 82 -6.51 -2.33 8.64
CA LYS A 82 -5.37 -2.42 7.73
C LYS A 82 -5.63 -3.23 6.47
N CYS A 83 -4.55 -3.50 5.72
CA CYS A 83 -4.67 -4.28 4.46
C CYS A 83 -3.32 -4.79 3.90
N PHE A 84 -3.34 -5.29 2.66
CA PHE A 84 -2.14 -5.83 2.08
C PHE A 84 -1.92 -5.39 0.65
N GLY A 85 -0.68 -5.45 0.26
CA GLY A 85 -0.29 -5.14 -1.09
C GLY A 85 0.41 -6.32 -1.74
N PHE A 86 0.43 -6.33 -3.06
CA PHE A 86 1.11 -7.37 -3.80
C PHE A 86 2.24 -6.73 -4.55
N VAL A 87 3.44 -7.25 -4.41
CA VAL A 87 4.55 -6.69 -5.15
C VAL A 87 5.31 -7.83 -5.79
N SER A 88 5.27 -7.87 -7.09
CA SER A 88 5.91 -8.92 -7.87
C SER A 88 7.23 -8.43 -8.43
N PHE A 89 8.29 -9.07 -7.95
CA PHE A 89 9.63 -8.73 -8.33
C PHE A 89 10.25 -9.75 -9.30
N ASP A 90 10.74 -9.20 -10.42
CA ASP A 90 11.39 -9.97 -11.47
C ASP A 90 12.82 -9.46 -11.74
N ASN A 91 13.75 -10.03 -11.00
CA ASN A 91 15.17 -9.71 -11.14
C ASN A 91 16.00 -10.86 -10.59
N PRO A 92 17.35 -10.74 -10.59
CA PRO A 92 18.19 -11.77 -10.01
C PRO A 92 17.91 -11.87 -8.51
N ASP A 93 18.59 -12.78 -7.82
CA ASP A 93 18.38 -12.96 -6.40
C ASP A 93 18.43 -11.62 -5.67
N SER A 94 19.11 -10.64 -6.27
CA SER A 94 19.22 -9.31 -5.68
C SER A 94 17.83 -8.77 -5.32
N ALA A 95 16.85 -8.96 -6.22
CA ALA A 95 15.50 -8.53 -5.93
C ALA A 95 14.98 -9.31 -4.75
N GLN A 96 15.23 -10.62 -4.76
CA GLN A 96 14.83 -11.47 -3.66
C GLN A 96 15.34 -10.88 -2.36
N VAL A 97 16.59 -10.43 -2.41
CA VAL A 97 17.23 -9.80 -1.26
C VAL A 97 16.39 -8.62 -0.78
N ALA A 98 15.80 -7.88 -1.72
CA ALA A 98 14.96 -6.76 -1.35
C ALA A 98 13.73 -7.23 -0.60
N ILE A 99 13.28 -8.44 -0.91
CA ILE A 99 12.08 -9.00 -0.28
C ILE A 99 12.27 -9.47 1.16
N LYS A 100 13.26 -10.30 1.40
CA LYS A 100 13.48 -10.84 2.75
C LYS A 100 14.03 -9.78 3.69
N ALA A 101 14.97 -9.01 3.18
CA ALA A 101 15.62 -7.98 3.95
C ALA A 101 14.77 -6.74 4.16
N MET A 102 13.73 -6.54 3.33
CA MET A 102 12.94 -5.30 3.46
C MET A 102 11.44 -5.49 3.67
N ASN A 103 10.99 -4.89 4.77
CA ASN A 103 9.58 -4.79 5.13
C ASN A 103 9.03 -3.67 4.27
N GLY A 104 7.74 -3.58 4.04
CA GLY A 104 7.28 -2.55 3.13
C GLY A 104 6.30 -1.54 3.68
N PHE A 105 5.85 -1.65 4.94
CA PHE A 105 4.96 -0.58 5.42
C PHE A 105 5.41 0.07 6.73
N GLN A 106 5.83 1.34 6.60
CA GLN A 106 6.26 2.16 7.72
C GLN A 106 5.19 3.17 8.20
N VAL A 107 4.65 2.93 9.38
CA VAL A 107 3.70 3.84 10.03
C VAL A 107 4.24 4.15 11.41
N GLY A 108 3.88 5.27 12.05
CA GLY A 108 4.49 5.53 13.35
C GLY A 108 4.56 4.28 14.21
N THR A 109 3.58 3.39 14.09
CA THR A 109 3.72 2.07 14.70
C THR A 109 2.98 1.07 13.84
N LYS A 110 3.63 0.63 12.79
CA LYS A 110 3.05 -0.35 11.90
C LYS A 110 4.10 -0.90 10.96
N ARG A 111 4.45 -2.16 11.04
CA ARG A 111 5.41 -2.68 10.09
C ARG A 111 4.76 -3.76 9.27
N LEU A 112 4.96 -3.71 7.96
CA LEU A 112 4.32 -4.65 7.07
C LEU A 112 4.98 -5.97 7.05
N LYS A 113 4.16 -7.02 6.94
CA LYS A 113 4.73 -8.34 6.92
C LYS A 113 5.14 -8.70 5.50
N VAL A 114 6.45 -8.71 5.25
CA VAL A 114 6.96 -9.04 3.95
C VAL A 114 7.20 -10.55 3.86
N GLN A 115 6.33 -11.24 3.14
CA GLN A 115 6.44 -12.68 2.97
C GLN A 115 7.00 -12.98 1.58
N LEU A 116 8.28 -13.31 1.53
CA LEU A 116 8.98 -13.58 0.27
C LEU A 116 8.77 -14.99 -0.27
N LYS A 117 8.72 -15.09 -1.61
CA LYS A 117 8.53 -16.36 -2.29
C LYS A 117 9.21 -16.36 -3.68
N LYS A 118 10.13 -17.31 -3.84
CA LYS A 118 10.87 -17.47 -5.08
C LYS A 118 10.27 -18.62 -5.90
N ALA A 1 -31.70 29.10 -2.30
CA ALA A 1 -30.75 29.75 -3.21
C ALA A 1 -30.57 31.22 -2.85
N ALA A 2 -29.34 31.71 -3.00
CA ALA A 2 -29.04 33.11 -2.71
C ALA A 2 -28.98 33.94 -3.98
N GLY A 3 -28.56 33.30 -5.08
CA GLY A 3 -28.47 34.00 -6.34
C GLY A 3 -27.06 34.00 -6.90
N LEU A 4 -26.07 33.76 -6.04
CA LEU A 4 -24.68 33.73 -6.46
C LEU A 4 -24.13 32.30 -6.43
N PRO A 5 -24.04 31.64 -7.59
CA PRO A 5 -23.55 30.29 -7.70
C PRO A 5 -22.09 30.22 -8.14
N GLN A 6 -21.46 29.09 -7.85
CA GLN A 6 -20.07 28.90 -8.23
C GLN A 6 -19.96 27.97 -9.44
N PHE A 7 -18.94 28.20 -10.26
CA PHE A 7 -18.72 27.39 -11.46
C PHE A 7 -17.45 26.56 -11.32
N GLY A 8 -17.49 25.33 -11.83
CA GLY A 8 -16.34 24.45 -11.75
C GLY A 8 -16.52 23.34 -10.73
N SER A 9 -17.77 22.92 -10.54
CA SER A 9 -18.07 21.85 -9.58
C SER A 9 -17.87 20.48 -10.21
N ALA A 10 -17.18 19.60 -9.49
CA ALA A 10 -16.92 18.25 -9.99
C ALA A 10 -17.60 17.21 -9.11
N SER A 11 -18.22 16.22 -9.75
CA SER A 11 -18.91 15.16 -9.03
C SER A 11 -17.94 14.06 -8.59
N ALA A 12 -17.96 13.75 -7.31
CA ALA A 12 -17.08 12.73 -6.76
C ALA A 12 -17.42 11.35 -7.31
N LEU A 13 -16.43 10.47 -7.38
CA LEU A 13 -16.64 9.12 -7.89
C LEU A 13 -16.37 8.09 -6.81
N SER A 14 -16.98 6.91 -6.96
CA SER A 14 -16.80 5.84 -5.99
C SER A 14 -15.75 4.84 -6.46
N THR A 15 -14.77 4.58 -5.61
CA THR A 15 -13.70 3.64 -5.94
C THR A 15 -13.91 2.30 -5.25
N SER A 16 -13.97 1.23 -6.03
CA SER A 16 -14.17 -0.11 -5.49
C SER A 16 -13.15 -1.08 -6.07
N PRO A 17 -12.75 -2.10 -5.28
CA PRO A 17 -11.77 -3.10 -5.73
C PRO A 17 -12.35 -4.05 -6.77
N LEU A 18 -11.49 -4.86 -7.36
CA LEU A 18 -11.91 -5.81 -8.39
C LEU A 18 -11.95 -7.23 -7.83
N ALA A 19 -13.07 -7.61 -7.23
CA ALA A 19 -13.23 -8.94 -6.66
C ALA A 19 -14.68 -9.20 -6.26
N SER A 20 -15.16 -8.45 -5.27
CA SER A 20 -16.53 -8.60 -4.79
C SER A 20 -17.07 -7.27 -4.28
N VAL A 21 -18.23 -7.32 -3.64
CA VAL A 21 -18.86 -6.12 -3.10
C VAL A 21 -18.63 -6.01 -1.60
N ALA A 22 -18.09 -4.86 -1.18
CA ALA A 22 -17.81 -4.62 0.24
C ALA A 22 -19.10 -4.31 1.00
N LEU A 23 -19.11 -4.65 2.28
CA LEU A 23 -20.27 -4.40 3.13
C LEU A 23 -20.00 -3.26 4.11
N SER A 24 -20.41 -2.05 3.72
CA SER A 24 -20.21 -0.89 4.58
C SER A 24 -18.73 -0.65 4.84
N ALA A 25 -17.90 -1.00 3.86
CA ALA A 25 -16.46 -0.82 4.00
C ALA A 25 -15.99 0.44 3.29
N ALA A 26 -15.12 1.21 3.94
CA ALA A 26 -14.59 2.44 3.37
C ALA A 26 -13.17 2.25 2.88
N ALA A 27 -12.90 2.72 1.66
CA ALA A 27 -11.57 2.61 1.08
C ALA A 27 -11.03 3.98 0.67
N ALA A 28 -10.12 4.51 1.48
CA ALA A 28 -9.53 5.81 1.19
C ALA A 28 -8.59 5.75 -0.01
N ALA A 29 -8.49 6.87 -0.73
CA ALA A 29 -7.63 6.94 -1.90
C ALA A 29 -6.24 7.40 -1.54
N ALA A 30 -5.36 6.45 -1.20
CA ALA A 30 -3.99 6.77 -0.83
C ALA A 30 -3.09 5.55 -1.00
N ALA A 31 -2.33 5.52 -2.09
CA ALA A 31 -1.43 4.40 -2.36
C ALA A 31 -0.01 4.89 -2.63
N GLY A 32 0.94 4.39 -1.86
CA GLY A 32 2.33 4.78 -2.01
C GLY A 32 2.80 4.95 -3.45
N LYS A 33 2.15 4.26 -4.41
CA LYS A 33 2.59 4.37 -5.79
C LYS A 33 1.43 4.34 -6.80
N GLN A 34 1.78 4.14 -8.08
CA GLN A 34 0.81 4.16 -9.17
C GLN A 34 -0.49 3.40 -8.88
N ILE A 35 -1.43 3.53 -9.81
CA ILE A 35 -2.75 2.92 -9.72
C ILE A 35 -2.71 1.39 -9.55
N GLU A 36 -3.89 0.77 -9.56
CA GLU A 36 -4.02 -0.68 -9.39
C GLU A 36 -3.82 -1.45 -10.69
N GLY A 37 -3.39 -2.70 -10.57
CA GLY A 37 -3.17 -3.56 -11.72
C GLY A 37 -3.53 -5.02 -11.44
N PRO A 38 -3.15 -5.95 -12.33
CA PRO A 38 -3.44 -7.39 -12.15
C PRO A 38 -2.64 -7.99 -10.99
N GLU A 39 -3.35 -8.48 -9.98
CA GLU A 39 -2.74 -9.08 -8.80
C GLU A 39 -2.04 -10.41 -9.11
N GLY A 40 -1.27 -10.90 -8.14
CA GLY A 40 -0.57 -12.16 -8.30
C GLY A 40 0.92 -12.06 -7.98
N CYS A 41 1.41 -10.84 -7.84
CA CYS A 41 2.78 -10.55 -7.54
C CYS A 41 2.82 -9.85 -6.21
N ASN A 42 1.90 -10.21 -5.30
CA ASN A 42 1.73 -9.41 -4.12
C ASN A 42 2.52 -9.92 -2.94
N LEU A 43 2.64 -9.04 -1.98
CA LEU A 43 3.44 -9.26 -0.81
C LEU A 43 2.83 -8.61 0.42
N PHE A 44 2.81 -9.36 1.51
CA PHE A 44 2.34 -8.86 2.78
C PHE A 44 3.52 -8.95 3.69
N ILE A 45 3.98 -7.81 4.21
CA ILE A 45 5.16 -7.86 5.04
C ILE A 45 4.91 -7.29 6.41
N TYR A 46 5.42 -7.90 7.47
CA TYR A 46 5.20 -7.27 8.78
C TYR A 46 6.51 -6.95 9.48
N HIS A 47 7.07 -5.77 9.27
CA HIS A 47 8.14 -5.34 10.15
C HIS A 47 8.01 -3.91 10.63
N LEU A 48 7.56 -3.11 9.65
CA LEU A 48 7.55 -1.66 9.76
C LEU A 48 6.58 -1.01 10.68
N PRO A 49 7.06 0.04 11.37
CA PRO A 49 6.26 0.84 12.27
C PRO A 49 5.35 1.78 11.49
N GLN A 50 4.48 2.46 12.19
CA GLN A 50 3.54 3.38 11.57
C GLN A 50 4.25 4.49 10.77
N GLU A 51 5.51 4.76 11.09
CA GLU A 51 6.25 5.81 10.41
C GLU A 51 6.86 5.34 9.09
N PHE A 52 6.62 4.08 8.73
CA PHE A 52 7.17 3.55 7.48
C PHE A 52 6.16 3.67 6.35
N THR A 53 6.65 4.04 5.16
CA THR A 53 5.78 4.18 3.99
C THR A 53 5.91 2.96 3.09
N ASP A 54 4.82 2.67 2.39
CA ASP A 54 4.77 1.55 1.49
C ASP A 54 5.64 1.79 0.26
N THR A 55 5.84 3.05 -0.06
CA THR A 55 6.63 3.42 -1.22
C THR A 55 8.03 2.84 -1.18
N ASP A 56 8.61 2.63 -0.01
CA ASP A 56 9.97 2.07 0.08
C ASP A 56 10.03 0.62 -0.43
N LEU A 57 9.12 -0.22 0.03
CA LEU A 57 9.11 -1.63 -0.40
C LEU A 57 8.83 -1.72 -1.90
N ALA A 58 7.81 -0.98 -2.31
CA ALA A 58 7.40 -0.97 -3.70
C ALA A 58 8.53 -0.61 -4.63
N SER A 59 9.35 0.34 -4.24
CA SER A 59 10.48 0.78 -5.04
C SER A 59 11.60 -0.25 -5.10
N THR A 60 11.83 -0.97 -4.00
CA THR A 60 12.91 -1.95 -3.97
C THR A 60 12.64 -3.17 -4.88
N PHE A 61 11.53 -3.87 -4.66
CA PHE A 61 11.17 -5.03 -5.51
C PHE A 61 10.56 -4.59 -6.87
N LEU A 62 10.33 -3.28 -6.98
CA LEU A 62 9.59 -2.65 -8.08
C LEU A 62 9.85 -3.13 -9.50
N PRO A 63 11.05 -3.52 -9.90
CA PRO A 63 11.27 -3.98 -11.26
C PRO A 63 10.14 -4.91 -11.80
N PHE A 64 9.35 -5.54 -10.90
CA PHE A 64 8.33 -6.52 -11.35
C PHE A 64 7.22 -6.06 -12.33
N GLY A 65 6.38 -5.14 -11.89
CA GLY A 65 5.27 -4.65 -12.69
C GLY A 65 5.08 -3.18 -12.67
N ASN A 66 3.77 -2.93 -12.52
CA ASN A 66 3.20 -1.64 -12.25
C ASN A 66 2.96 -1.72 -10.73
N VAL A 67 3.31 -0.65 -10.02
CA VAL A 67 3.24 -0.66 -8.56
C VAL A 67 2.00 -0.03 -7.94
N ILE A 68 1.33 -0.84 -7.14
CA ILE A 68 0.16 -0.44 -6.39
C ILE A 68 0.46 -0.59 -4.90
N SER A 69 1.08 0.40 -4.28
CA SER A 69 1.47 0.28 -2.87
C SER A 69 0.53 1.00 -1.91
N ALA A 70 0.43 0.42 -0.71
CA ALA A 70 -0.37 0.94 0.39
C ALA A 70 0.33 0.59 1.71
N LYS A 71 0.01 1.27 2.82
CA LYS A 71 0.69 0.97 4.09
C LYS A 71 -0.29 0.71 5.26
N VAL A 72 0.17 -0.10 6.22
CA VAL A 72 -0.61 -0.46 7.42
C VAL A 72 0.17 -0.10 8.70
N PHE A 73 -0.25 1.02 9.29
CA PHE A 73 0.37 1.58 10.49
C PHE A 73 -0.41 1.29 11.78
N ILE A 74 0.36 1.11 12.86
CA ILE A 74 -0.16 0.85 14.20
C ILE A 74 0.22 2.01 15.13
N ASP A 75 -0.29 2.03 16.36
CA ASP A 75 0.03 3.13 17.27
C ASP A 75 1.27 2.83 18.10
N LYS A 76 2.41 3.23 17.53
CA LYS A 76 3.73 3.04 18.15
C LYS A 76 4.22 4.33 18.81
N GLN A 77 3.38 5.36 18.81
CA GLN A 77 3.76 6.66 19.35
C GLN A 77 4.59 6.50 20.60
N THR A 78 3.96 5.98 21.63
CA THR A 78 4.63 5.73 22.87
C THR A 78 4.37 4.30 23.30
N SER A 79 3.64 3.52 22.48
CA SER A 79 3.31 2.18 22.90
C SER A 79 4.28 1.09 22.42
N LEU A 80 4.32 0.86 21.11
CA LEU A 80 5.22 -0.15 20.55
C LEU A 80 5.53 0.13 19.09
N SER A 81 6.79 0.05 18.67
CA SER A 81 7.06 0.27 17.25
C SER A 81 7.18 -1.05 16.51
N LYS A 82 6.03 -1.51 16.04
CA LYS A 82 5.92 -2.74 15.25
C LYS A 82 4.80 -2.61 14.24
N CYS A 83 5.08 -2.55 12.95
CA CYS A 83 3.95 -2.43 11.99
C CYS A 83 4.20 -3.15 10.66
N PHE A 84 3.23 -3.10 9.74
CA PHE A 84 3.39 -3.80 8.49
C PHE A 84 2.98 -2.97 7.30
N GLY A 85 3.51 -3.34 6.17
CA GLY A 85 3.15 -2.68 4.93
C GLY A 85 2.56 -3.65 3.92
N PHE A 86 1.82 -3.10 2.97
CA PHE A 86 1.21 -3.88 1.91
C PHE A 86 1.83 -3.42 0.60
N VAL A 87 2.42 -4.33 -0.13
CA VAL A 87 3.00 -3.99 -1.41
C VAL A 87 2.40 -4.87 -2.47
N SER A 88 1.59 -4.30 -3.36
CA SER A 88 0.93 -5.07 -4.38
C SER A 88 1.58 -4.89 -5.75
N PHE A 89 2.26 -5.91 -6.22
CA PHE A 89 2.90 -5.87 -7.49
C PHE A 89 2.08 -6.61 -8.54
N ASP A 90 1.91 -5.93 -9.69
CA ASP A 90 1.12 -6.52 -10.76
C ASP A 90 1.96 -6.68 -12.04
N ASN A 91 2.60 -7.85 -12.14
CA ASN A 91 3.46 -8.18 -13.26
C ASN A 91 3.60 -9.71 -13.37
N PRO A 92 4.54 -10.20 -14.19
CA PRO A 92 4.80 -11.65 -14.32
C PRO A 92 5.50 -12.20 -13.07
N ASP A 93 5.74 -13.50 -13.06
CA ASP A 93 6.38 -14.19 -11.94
C ASP A 93 7.70 -13.54 -11.53
N SER A 94 8.31 -12.77 -12.43
CA SER A 94 9.57 -12.12 -12.12
C SER A 94 9.43 -11.37 -10.79
N ALA A 95 8.21 -10.91 -10.50
CA ALA A 95 7.94 -10.24 -9.26
C ALA A 95 8.13 -11.20 -8.13
N GLN A 96 7.71 -12.45 -8.34
CA GLN A 96 7.86 -13.43 -7.29
C GLN A 96 9.31 -13.42 -6.80
N VAL A 97 10.22 -13.23 -7.74
CA VAL A 97 11.65 -13.18 -7.43
C VAL A 97 12.00 -11.92 -6.64
N ALA A 98 11.52 -10.78 -7.09
CA ALA A 98 11.80 -9.51 -6.41
C ALA A 98 11.43 -9.55 -4.92
N ILE A 99 10.32 -10.20 -4.63
CA ILE A 99 9.74 -10.30 -3.30
C ILE A 99 10.44 -11.28 -2.36
N LYS A 100 10.57 -12.56 -2.75
CA LYS A 100 11.17 -13.53 -1.83
C LYS A 100 12.66 -13.28 -1.67
N ALA A 101 13.26 -12.68 -2.67
CA ALA A 101 14.67 -12.40 -2.64
C ALA A 101 14.99 -11.22 -1.72
N MET A 102 13.99 -10.39 -1.41
CA MET A 102 14.26 -9.21 -0.60
C MET A 102 13.28 -8.94 0.56
N ASN A 103 13.87 -8.84 1.76
CA ASN A 103 13.18 -8.45 2.97
C ASN A 103 12.72 -7.02 2.75
N GLY A 104 11.79 -6.48 3.51
CA GLY A 104 11.34 -5.14 3.17
C GLY A 104 11.54 -4.09 4.23
N PHE A 105 12.03 -4.42 5.43
CA PHE A 105 12.28 -3.33 6.37
C PHE A 105 13.67 -3.40 7.02
N GLN A 106 14.50 -2.42 6.63
CA GLN A 106 15.86 -2.26 7.14
C GLN A 106 15.98 -1.16 8.22
N VAL A 107 16.21 -1.57 9.45
CA VAL A 107 16.45 -0.66 10.57
C VAL A 107 17.77 -1.07 11.21
N GLY A 108 18.50 -0.18 11.91
CA GLY A 108 19.78 -0.64 12.46
C GLY A 108 19.68 -2.03 13.05
N THR A 109 18.54 -2.38 13.63
CA THR A 109 18.32 -3.77 13.99
C THR A 109 16.84 -4.07 13.87
N LYS A 110 16.40 -4.33 12.65
CA LYS A 110 15.02 -4.64 12.41
C LYS A 110 14.86 -5.23 11.01
N ARG A 111 14.51 -6.47 10.84
CA ARG A 111 14.31 -6.97 9.50
C ARG A 111 12.87 -7.40 9.31
N LEU A 112 12.31 -7.00 8.17
CA LEU A 112 10.92 -7.27 7.88
C LEU A 112 10.65 -8.66 7.39
N LYS A 113 9.55 -9.24 7.87
CA LYS A 113 9.23 -10.57 7.39
C LYS A 113 8.43 -10.50 6.10
N VAL A 114 9.07 -10.83 4.98
CA VAL A 114 8.44 -10.76 3.68
C VAL A 114 7.74 -12.08 3.34
N GLN A 115 6.41 -12.01 3.30
CA GLN A 115 5.57 -13.15 2.98
C GLN A 115 5.05 -13.02 1.55
N LEU A 116 5.62 -13.79 0.64
CA LEU A 116 5.26 -13.70 -0.78
C LEU A 116 3.98 -14.46 -1.15
N LYS A 117 3.28 -13.94 -2.17
CA LYS A 117 2.04 -14.52 -2.67
C LYS A 117 1.90 -14.28 -4.19
N LYS A 118 2.29 -15.31 -4.94
CA LYS A 118 2.24 -15.30 -6.39
C LYS A 118 0.79 -15.37 -6.88
N ALA A 1 -30.61 15.34 9.53
CA ALA A 1 -31.99 14.89 9.73
C ALA A 1 -32.07 13.88 10.87
N ALA A 2 -33.29 13.57 11.28
CA ALA A 2 -33.51 12.61 12.37
C ALA A 2 -33.83 11.22 11.82
N GLY A 3 -33.27 10.91 10.65
CA GLY A 3 -33.51 9.62 10.04
C GLY A 3 -34.98 9.35 9.77
N LEU A 4 -35.68 10.39 9.31
CA LEU A 4 -37.10 10.27 9.01
C LEU A 4 -37.36 10.50 7.52
N PRO A 5 -37.45 9.41 6.73
CA PRO A 5 -37.68 9.47 5.30
C PRO A 5 -39.13 9.24 4.92
N GLN A 6 -39.50 9.69 3.73
CA GLN A 6 -40.86 9.52 3.25
C GLN A 6 -40.93 8.42 2.20
N PHE A 7 -42.09 7.79 2.08
CA PHE A 7 -42.28 6.70 1.11
C PHE A 7 -43.11 7.19 -0.07
N GLY A 8 -42.94 6.53 -1.22
CA GLY A 8 -43.67 6.90 -2.41
C GLY A 8 -42.79 7.51 -3.48
N SER A 9 -41.70 8.13 -3.05
CA SER A 9 -40.76 8.76 -3.98
C SER A 9 -39.36 8.19 -3.81
N ALA A 10 -38.65 8.02 -4.92
CA ALA A 10 -37.30 7.48 -4.91
C ALA A 10 -36.27 8.58 -5.14
N SER A 11 -35.26 8.63 -4.28
CA SER A 11 -34.20 9.63 -4.40
C SER A 11 -32.93 9.01 -4.98
N ALA A 12 -32.41 9.62 -6.04
CA ALA A 12 -31.20 9.13 -6.69
C ALA A 12 -29.96 9.68 -5.99
N LEU A 13 -28.97 8.81 -5.81
CA LEU A 13 -27.72 9.20 -5.15
C LEU A 13 -26.54 9.08 -6.12
N SER A 14 -25.89 10.21 -6.38
CA SER A 14 -24.75 10.23 -7.29
C SER A 14 -23.49 9.72 -6.60
N THR A 15 -22.75 8.86 -7.29
CA THR A 15 -21.52 8.29 -6.74
C THR A 15 -20.32 9.17 -7.08
N SER A 16 -19.46 9.39 -6.10
CA SER A 16 -18.27 10.21 -6.30
C SER A 16 -17.02 9.33 -6.46
N PRO A 17 -16.20 9.60 -7.48
CA PRO A 17 -14.98 8.82 -7.72
C PRO A 17 -14.07 8.76 -6.50
N LEU A 18 -13.73 9.93 -5.95
CA LEU A 18 -12.88 10.01 -4.78
C LEU A 18 -13.70 10.26 -3.52
N ALA A 19 -13.31 9.62 -2.42
CA ALA A 19 -14.00 9.77 -1.15
C ALA A 19 -13.41 10.91 -0.33
N SER A 20 -12.10 11.10 -0.46
CA SER A 20 -11.41 12.15 0.28
C SER A 20 -10.94 13.26 -0.67
N VAL A 21 -10.33 14.29 -0.11
CA VAL A 21 -9.84 15.41 -0.90
C VAL A 21 -8.32 15.50 -0.85
N ALA A 22 -7.70 15.71 -2.00
CA ALA A 22 -6.24 15.82 -2.09
C ALA A 22 -5.77 17.23 -1.72
N LEU A 23 -4.51 17.34 -1.34
CA LEU A 23 -3.93 18.62 -0.96
C LEU A 23 -3.26 19.30 -2.16
N SER A 24 -3.10 20.61 -2.08
CA SER A 24 -2.47 21.37 -3.15
C SER A 24 -0.95 21.39 -2.98
N ALA A 25 -0.49 21.96 -1.88
CA ALA A 25 0.94 22.04 -1.60
C ALA A 25 1.54 20.65 -1.38
N ALA A 26 2.56 20.32 -2.18
CA ALA A 26 3.21 19.03 -2.05
C ALA A 26 4.65 19.19 -1.57
N ALA A 27 4.87 18.92 -0.28
CA ALA A 27 6.19 19.03 0.30
C ALA A 27 7.17 18.05 -0.32
N ALA A 28 8.42 18.46 -0.48
CA ALA A 28 9.45 17.61 -1.07
C ALA A 28 9.73 16.41 -0.18
N ALA A 29 9.33 15.23 -0.65
CA ALA A 29 9.54 14.00 0.09
C ALA A 29 10.10 12.90 -0.80
N ALA A 30 11.04 12.12 -0.26
CA ALA A 30 11.66 11.04 -1.00
C ALA A 30 11.07 9.70 -0.60
N ALA A 31 10.33 9.07 -1.52
CA ALA A 31 9.71 7.79 -1.26
C ALA A 31 10.53 6.64 -1.86
N GLY A 32 10.07 5.41 -1.62
CA GLY A 32 10.76 4.24 -2.13
C GLY A 32 10.27 3.84 -3.49
N LYS A 33 10.19 4.79 -4.40
CA LYS A 33 9.67 4.49 -5.70
C LYS A 33 10.52 5.05 -6.83
N GLN A 34 10.58 4.30 -7.93
CA GLN A 34 11.35 4.68 -9.11
C GLN A 34 10.44 4.73 -10.34
N ILE A 35 11.04 4.94 -11.51
CA ILE A 35 10.28 5.00 -12.76
C ILE A 35 9.17 3.96 -12.82
N GLU A 36 8.17 4.20 -13.65
CA GLU A 36 7.04 3.29 -13.78
C GLU A 36 7.34 2.17 -14.78
N GLY A 37 6.74 1.00 -14.54
CA GLY A 37 6.94 -0.14 -15.42
C GLY A 37 5.68 -0.98 -15.58
N PRO A 38 5.80 -2.18 -16.18
CA PRO A 38 4.65 -3.08 -16.38
C PRO A 38 4.20 -3.73 -15.08
N GLU A 39 2.90 -3.70 -14.81
CA GLU A 39 2.36 -4.28 -13.60
C GLU A 39 2.28 -5.80 -13.69
N GLY A 40 2.08 -6.45 -12.54
CA GLY A 40 1.98 -7.89 -12.50
C GLY A 40 2.92 -8.52 -11.48
N CYS A 41 3.74 -7.70 -10.85
CA CYS A 41 4.70 -8.13 -9.88
C CYS A 41 4.37 -7.45 -8.57
N ASN A 42 3.09 -7.17 -8.30
CA ASN A 42 2.77 -6.33 -7.17
C ASN A 42 2.46 -7.14 -5.96
N LEU A 43 2.66 -6.49 -4.83
CA LEU A 43 2.55 -7.12 -3.54
C LEU A 43 1.90 -6.23 -2.51
N PHE A 44 1.01 -6.83 -1.74
CA PHE A 44 0.39 -6.14 -0.65
C PHE A 44 0.91 -6.82 0.56
N ILE A 45 1.62 -6.11 1.38
CA ILE A 45 2.21 -6.75 2.54
C ILE A 45 1.71 -6.10 3.77
N TYR A 46 1.50 -6.80 4.86
CA TYR A 46 1.10 -6.08 6.04
C TYR A 46 1.65 -6.66 7.33
N HIS A 47 2.78 -6.17 7.80
CA HIS A 47 3.19 -6.50 9.14
C HIS A 47 3.65 -5.33 9.99
N LEU A 48 4.37 -4.46 9.28
CA LEU A 48 5.12 -3.34 9.88
C LEU A 48 4.39 -2.15 10.41
N PRO A 49 4.89 -1.65 11.57
CA PRO A 49 4.36 -0.46 12.24
C PRO A 49 4.28 0.74 11.30
N GLN A 50 3.67 1.78 11.80
CA GLN A 50 3.47 3.02 11.05
C GLN A 50 4.80 3.68 10.63
N GLU A 51 5.88 3.38 11.33
CA GLU A 51 7.17 4.01 11.04
C GLU A 51 7.98 3.26 9.99
N PHE A 52 7.40 2.26 9.34
CA PHE A 52 8.12 1.51 8.32
C PHE A 52 7.84 2.07 6.93
N THR A 53 8.90 2.25 6.12
CA THR A 53 8.73 2.77 4.76
C THR A 53 8.77 1.64 3.76
N ASP A 54 8.06 1.82 2.66
CA ASP A 54 8.01 0.82 1.60
C ASP A 54 9.31 0.71 0.86
N THR A 55 10.07 1.80 0.85
CA THR A 55 11.34 1.81 0.13
C THR A 55 12.24 0.67 0.61
N ASP A 56 12.12 0.26 1.86
CA ASP A 56 12.95 -0.83 2.38
C ASP A 56 12.65 -2.16 1.69
N LEU A 57 11.38 -2.49 1.54
CA LEU A 57 10.99 -3.74 0.88
C LEU A 57 11.45 -3.76 -0.57
N ALA A 58 11.14 -2.66 -1.27
CA ALA A 58 11.49 -2.52 -2.68
C ALA A 58 12.98 -2.68 -2.92
N SER A 59 13.79 -2.14 -2.05
CA SER A 59 15.23 -2.20 -2.19
C SER A 59 15.78 -3.60 -1.95
N THR A 60 15.20 -4.34 -1.00
CA THR A 60 15.71 -5.67 -0.68
C THR A 60 15.42 -6.70 -1.79
N PHE A 61 14.15 -6.91 -2.13
CA PHE A 61 13.76 -7.84 -3.19
C PHE A 61 13.93 -7.27 -4.60
N LEU A 62 14.31 -5.99 -4.66
CA LEU A 62 14.35 -5.16 -5.86
C LEU A 62 14.80 -5.85 -7.14
N PRO A 63 15.71 -6.81 -7.14
CA PRO A 63 16.08 -7.45 -8.40
C PRO A 63 14.85 -7.76 -9.30
N PHE A 64 13.61 -7.75 -8.76
CA PHE A 64 12.44 -8.10 -9.58
C PHE A 64 12.15 -7.16 -10.75
N GLY A 65 11.88 -5.91 -10.46
CA GLY A 65 11.60 -4.93 -11.51
C GLY A 65 12.28 -3.62 -11.35
N ASN A 66 11.46 -2.67 -11.75
CA ASN A 66 11.64 -1.28 -11.52
C ASN A 66 10.71 -1.10 -10.32
N VAL A 67 11.24 -0.59 -9.22
CA VAL A 67 10.47 -0.54 -7.98
C VAL A 67 9.84 0.80 -7.65
N ILE A 68 8.54 0.73 -7.46
CA ILE A 68 7.72 1.86 -7.06
C ILE A 68 7.09 1.56 -5.71
N SER A 69 7.79 1.82 -4.60
CA SER A 69 7.25 1.47 -3.28
C SER A 69 6.72 2.67 -2.50
N ALA A 70 5.49 2.51 -2.00
CA ALA A 70 4.81 3.52 -1.19
C ALA A 70 4.39 2.87 0.13
N LYS A 71 4.28 3.63 1.22
CA LYS A 71 3.92 3.04 2.53
C LYS A 71 2.45 3.25 2.93
N VAL A 72 1.93 2.31 3.73
CA VAL A 72 0.54 2.34 4.23
C VAL A 72 0.46 2.17 5.75
N PHE A 73 -0.28 3.08 6.36
CA PHE A 73 -0.47 3.07 7.81
C PHE A 73 -1.86 2.62 8.22
N ILE A 74 -1.88 1.59 9.06
CA ILE A 74 -3.11 1.04 9.62
C ILE A 74 -3.48 1.81 10.89
N ASP A 75 -4.67 1.57 11.45
CA ASP A 75 -5.07 2.30 12.65
C ASP A 75 -4.66 1.52 13.89
N LYS A 76 -3.44 1.81 14.31
CA LYS A 76 -2.81 1.19 15.48
C LYS A 76 -2.89 2.08 16.71
N GLN A 77 -3.55 3.22 16.59
CA GLN A 77 -3.61 4.19 17.68
C GLN A 77 -3.96 3.51 18.97
N THR A 78 -5.17 3.01 19.04
CA THR A 78 -5.64 2.32 20.21
C THR A 78 -6.22 0.98 19.81
N SER A 79 -6.10 0.60 18.53
CA SER A 79 -6.69 -0.64 18.10
C SER A 79 -5.71 -1.81 18.13
N LEU A 80 -4.67 -1.73 17.31
CA LEU A 80 -3.66 -2.79 17.25
C LEU A 80 -2.35 -2.22 16.73
N SER A 81 -1.25 -2.35 17.47
CA SER A 81 0.00 -1.81 16.94
C SER A 81 0.51 -2.68 15.81
N LYS A 82 0.05 -2.38 14.60
CA LYS A 82 0.45 -3.07 13.39
C LYS A 82 0.44 -2.11 12.21
N CYS A 83 1.10 -2.48 11.11
CA CYS A 83 1.05 -1.60 9.91
C CYS A 83 1.49 -2.34 8.63
N PHE A 84 1.16 -1.78 7.46
CA PHE A 84 1.49 -2.44 6.23
C PHE A 84 2.07 -1.53 5.17
N GLY A 85 2.68 -2.14 4.20
CA GLY A 85 3.26 -1.43 3.07
C GLY A 85 2.65 -1.88 1.73
N PHE A 86 2.80 -1.01 0.73
CA PHE A 86 2.36 -1.25 -0.64
C PHE A 86 3.60 -1.29 -1.49
N VAL A 87 3.93 -2.42 -2.06
CA VAL A 87 5.13 -2.48 -2.88
C VAL A 87 4.81 -2.92 -4.29
N SER A 88 4.99 -2.02 -5.24
CA SER A 88 4.65 -2.28 -6.65
C SER A 88 5.88 -2.62 -7.51
N PHE A 89 5.97 -3.88 -7.97
CA PHE A 89 7.07 -4.34 -8.78
C PHE A 89 6.66 -4.54 -10.23
N ASP A 90 7.49 -3.99 -11.13
CA ASP A 90 7.20 -4.12 -12.54
C ASP A 90 8.34 -4.77 -13.34
N ASN A 91 8.34 -6.10 -13.48
CA ASN A 91 9.35 -6.81 -14.27
C ASN A 91 8.86 -8.20 -14.68
N PRO A 92 9.71 -9.03 -15.30
CA PRO A 92 9.36 -10.40 -15.68
C PRO A 92 9.04 -11.25 -14.45
N ASP A 93 8.65 -12.49 -14.68
CA ASP A 93 8.31 -13.42 -13.61
C ASP A 93 9.41 -13.49 -12.55
N SER A 94 10.63 -13.15 -12.92
CA SER A 94 11.74 -13.18 -11.96
C SER A 94 11.35 -12.40 -10.72
N ALA A 95 10.62 -11.31 -10.93
CA ALA A 95 10.12 -10.50 -9.86
C ALA A 95 9.22 -11.31 -8.97
N GLN A 96 8.39 -12.14 -9.59
CA GLN A 96 7.47 -12.97 -8.86
C GLN A 96 8.21 -13.80 -7.81
N VAL A 97 9.21 -14.53 -8.28
CA VAL A 97 10.03 -15.38 -7.41
C VAL A 97 10.64 -14.57 -6.26
N ALA A 98 11.12 -13.37 -6.56
CA ALA A 98 11.73 -12.51 -5.56
C ALA A 98 10.78 -12.25 -4.39
N ILE A 99 9.52 -12.00 -4.71
CA ILE A 99 8.51 -11.67 -3.70
C ILE A 99 8.03 -12.85 -2.86
N LYS A 100 7.60 -13.94 -3.49
CA LYS A 100 7.08 -15.09 -2.75
C LYS A 100 8.15 -15.70 -1.88
N ALA A 101 9.38 -15.61 -2.34
CA ALA A 101 10.50 -16.18 -1.64
C ALA A 101 10.91 -15.39 -0.40
N MET A 102 10.51 -14.12 -0.31
CA MET A 102 10.94 -13.30 0.83
C MET A 102 9.85 -12.50 1.53
N ASN A 103 9.74 -12.75 2.84
CA ASN A 103 8.89 -11.99 3.74
C ASN A 103 9.45 -10.58 3.74
N GLY A 104 8.73 -9.56 4.15
CA GLY A 104 9.32 -8.24 4.02
C GLY A 104 9.49 -7.46 5.30
N PHE A 105 9.09 -8.00 6.46
CA PHE A 105 9.36 -7.24 7.68
C PHE A 105 10.03 -8.08 8.79
N GLN A 106 11.30 -7.75 9.05
CA GLN A 106 12.09 -8.40 10.09
C GLN A 106 12.22 -7.55 11.38
N VAL A 107 11.55 -7.98 12.43
CA VAL A 107 11.62 -7.33 13.75
C VAL A 107 11.97 -8.39 14.78
N GLY A 108 12.58 -8.06 15.93
CA GLY A 108 12.88 -9.15 16.85
C GLY A 108 11.73 -10.13 16.97
N THR A 109 10.50 -9.63 16.87
CA THR A 109 9.37 -10.55 16.72
C THR A 109 8.30 -9.88 15.87
N LYS A 110 8.48 -9.94 14.57
CA LYS A 110 7.53 -9.41 13.62
C LYS A 110 7.85 -9.92 12.23
N ARG A 111 7.04 -10.75 11.63
CA ARG A 111 7.33 -11.15 10.28
C ARG A 111 6.18 -10.71 9.41
N LEU A 112 6.52 -9.97 8.35
CA LEU A 112 5.50 -9.39 7.50
C LEU A 112 4.90 -10.35 6.52
N LYS A 113 3.58 -10.22 6.33
CA LYS A 113 2.93 -11.12 5.39
C LYS A 113 2.99 -10.59 3.97
N VAL A 114 3.82 -11.20 3.12
CA VAL A 114 3.91 -10.80 1.74
C VAL A 114 2.92 -11.60 0.89
N GLN A 115 1.84 -10.95 0.50
CA GLN A 115 0.80 -11.57 -0.32
C GLN A 115 1.01 -11.16 -1.78
N LEU A 116 1.33 -12.17 -2.60
CA LEU A 116 1.67 -11.97 -4.01
C LEU A 116 0.49 -11.80 -4.95
N LYS A 117 0.69 -10.92 -5.94
CA LYS A 117 -0.30 -10.58 -6.96
C LYS A 117 0.38 -10.41 -8.32
N LYS A 118 0.27 -11.46 -9.14
CA LYS A 118 0.85 -11.47 -10.47
C LYS A 118 -0.07 -12.20 -11.46
N ALA A 1 -47.31 43.71 -35.37
CA ALA A 1 -46.55 42.56 -34.90
C ALA A 1 -46.68 41.38 -35.86
N ALA A 2 -45.71 40.49 -35.82
CA ALA A 2 -45.72 39.31 -36.68
C ALA A 2 -45.71 38.03 -35.86
N GLY A 3 -44.93 38.01 -34.79
CA GLY A 3 -44.86 36.83 -33.93
C GLY A 3 -44.14 35.68 -34.61
N LEU A 4 -43.10 35.99 -35.36
CA LEU A 4 -42.33 34.97 -36.06
C LEU A 4 -41.13 34.52 -35.23
N PRO A 5 -41.15 33.27 -34.73
CA PRO A 5 -40.08 32.73 -33.91
C PRO A 5 -39.11 31.88 -34.70
N GLN A 6 -37.91 31.70 -34.15
CA GLN A 6 -36.90 30.89 -34.80
C GLN A 6 -36.76 29.54 -34.11
N PHE A 7 -37.06 28.47 -34.84
CA PHE A 7 -36.97 27.12 -34.31
C PHE A 7 -35.57 26.55 -34.50
N GLY A 8 -35.07 25.87 -33.47
CA GLY A 8 -33.74 25.28 -33.54
C GLY A 8 -32.75 25.97 -32.61
N SER A 9 -33.26 26.53 -31.52
CA SER A 9 -32.43 27.22 -30.55
C SER A 9 -32.35 26.44 -29.24
N ALA A 10 -31.13 26.08 -28.83
CA ALA A 10 -30.92 25.33 -27.60
C ALA A 10 -30.32 26.22 -26.52
N SER A 11 -30.82 26.06 -25.30
CA SER A 11 -30.33 26.85 -24.17
C SER A 11 -29.26 26.08 -23.40
N ALA A 12 -28.25 26.81 -22.93
CA ALA A 12 -27.15 26.21 -22.18
C ALA A 12 -27.56 25.93 -20.74
N LEU A 13 -27.05 24.84 -20.18
CA LEU A 13 -27.35 24.47 -18.79
C LEU A 13 -26.13 24.61 -17.91
N SER A 14 -26.26 25.37 -16.82
CA SER A 14 -25.17 25.58 -15.89
C SER A 14 -25.30 24.67 -14.67
N THR A 15 -24.33 23.79 -14.48
CA THR A 15 -24.33 22.87 -13.35
C THR A 15 -24.13 23.61 -12.04
N SER A 16 -25.01 23.37 -11.07
CA SER A 16 -24.93 24.02 -9.77
C SER A 16 -24.90 22.98 -8.65
N PRO A 17 -24.29 23.32 -7.50
CA PRO A 17 -24.21 22.42 -6.35
C PRO A 17 -25.56 22.21 -5.67
N LEU A 18 -26.07 20.98 -5.76
CA LEU A 18 -27.35 20.65 -5.16
C LEU A 18 -27.17 20.09 -3.74
N ALA A 19 -26.08 19.36 -3.55
CA ALA A 19 -25.78 18.77 -2.24
C ALA A 19 -24.29 18.52 -2.09
N SER A 20 -23.80 18.64 -0.84
CA SER A 20 -22.39 18.43 -0.55
C SER A 20 -22.21 17.87 0.85
N VAL A 21 -21.61 16.68 0.92
CA VAL A 21 -21.38 16.03 2.21
C VAL A 21 -19.93 15.56 2.33
N ALA A 22 -19.33 15.79 3.49
CA ALA A 22 -17.95 15.39 3.73
C ALA A 22 -17.88 14.01 4.37
N LEU A 23 -16.75 13.33 4.16
CA LEU A 23 -16.56 11.99 4.71
C LEU A 23 -15.99 12.05 6.12
N SER A 24 -16.69 11.43 7.06
CA SER A 24 -16.26 11.42 8.45
C SER A 24 -16.75 10.17 9.17
N ALA A 25 -16.25 9.01 8.75
CA ALA A 25 -16.65 7.74 9.35
C ALA A 25 -15.53 7.18 10.23
N ALA A 26 -15.89 6.24 11.10
CA ALA A 26 -14.91 5.62 11.99
C ALA A 26 -13.98 4.68 11.23
N ALA A 27 -12.68 4.81 11.47
CA ALA A 27 -11.69 3.98 10.79
C ALA A 27 -10.90 3.15 11.81
N ALA A 28 -10.97 1.83 11.65
CA ALA A 28 -10.26 0.92 12.56
C ALA A 28 -8.86 0.62 12.03
N ALA A 29 -8.02 0.05 12.89
CA ALA A 29 -6.65 -0.28 12.51
C ALA A 29 -6.63 -1.12 11.24
N ALA A 30 -5.50 -1.10 10.53
CA ALA A 30 -5.36 -1.86 9.29
C ALA A 30 -3.90 -2.03 8.91
N ALA A 31 -3.67 -2.90 7.92
CA ALA A 31 -2.31 -3.18 7.43
C ALA A 31 -1.56 -1.88 7.15
N GLY A 32 -0.22 -1.90 7.29
CA GLY A 32 0.57 -0.71 7.07
C GLY A 32 0.11 0.13 5.89
N LYS A 33 -0.26 -0.54 4.81
CA LYS A 33 -0.75 0.10 3.60
C LYS A 33 -1.79 -0.81 2.95
N GLN A 34 -3.05 -0.42 2.94
CA GLN A 34 -4.08 -1.29 2.36
C GLN A 34 -4.89 -0.64 1.24
N ILE A 35 -4.62 -1.05 0.01
CA ILE A 35 -5.37 -0.57 -1.15
C ILE A 35 -6.00 -1.77 -1.87
N GLU A 36 -6.78 -1.51 -2.92
CA GLU A 36 -7.43 -2.59 -3.66
C GLU A 36 -6.71 -2.88 -4.97
N GLY A 37 -6.01 -4.02 -5.02
CA GLY A 37 -5.29 -4.40 -6.23
C GLY A 37 -5.28 -5.90 -6.49
N PRO A 38 -4.78 -6.33 -7.66
CA PRO A 38 -4.69 -7.74 -8.03
C PRO A 38 -3.39 -8.38 -7.53
N GLU A 39 -3.51 -9.57 -6.94
CA GLU A 39 -2.36 -10.29 -6.40
C GLU A 39 -1.46 -10.83 -7.51
N GLY A 40 -0.28 -11.31 -7.11
CA GLY A 40 0.68 -11.86 -8.05
C GLY A 40 2.07 -11.25 -7.92
N CYS A 41 2.20 -10.28 -7.02
CA CYS A 41 3.41 -9.57 -6.76
C CYS A 41 3.71 -9.71 -5.28
N ASN A 42 3.32 -10.82 -4.66
CA ASN A 42 3.39 -10.87 -3.20
C ASN A 42 4.67 -11.51 -2.73
N LEU A 43 5.24 -10.85 -1.75
CA LEU A 43 6.53 -11.19 -1.20
C LEU A 43 6.49 -11.40 0.30
N PHE A 44 7.33 -12.33 0.72
CA PHE A 44 7.51 -12.64 2.11
C PHE A 44 8.97 -12.44 2.39
N ILE A 45 9.28 -11.52 3.27
CA ILE A 45 10.66 -11.23 3.55
C ILE A 45 10.94 -11.46 4.98
N TYR A 46 12.16 -11.81 5.35
CA TYR A 46 12.41 -11.94 6.77
C TYR A 46 13.81 -11.53 7.16
N HIS A 47 14.01 -10.28 7.55
CA HIS A 47 15.25 -9.91 8.17
C HIS A 47 15.11 -9.13 9.47
N LEU A 48 14.10 -8.26 9.42
CA LEU A 48 13.89 -7.24 10.46
C LEU A 48 13.39 -7.69 11.79
N PRO A 49 13.68 -6.84 12.80
CA PRO A 49 13.27 -7.06 14.17
C PRO A 49 11.89 -6.49 14.41
N GLN A 50 11.39 -6.75 15.59
CA GLN A 50 10.05 -6.30 15.99
C GLN A 50 9.80 -4.82 15.73
N GLU A 51 10.86 -4.02 15.63
CA GLU A 51 10.70 -2.59 15.43
C GLU A 51 10.48 -2.20 13.98
N PHE A 52 10.42 -3.19 13.08
CA PHE A 52 10.23 -2.89 11.67
C PHE A 52 8.76 -2.98 11.28
N THR A 53 8.26 -1.94 10.63
CA THR A 53 6.86 -1.90 10.17
C THR A 53 6.77 -2.21 8.69
N ASP A 54 5.65 -2.77 8.31
CA ASP A 54 5.41 -3.14 6.93
C ASP A 54 5.37 -1.91 6.04
N THR A 55 5.00 -0.78 6.65
CA THR A 55 4.92 0.48 5.94
C THR A 55 6.24 0.82 5.27
N ASP A 56 7.36 0.38 5.84
CA ASP A 56 8.67 0.68 5.25
C ASP A 56 8.87 -0.05 3.92
N LEU A 57 8.57 -1.35 3.87
CA LEU A 57 8.75 -2.09 2.63
C LEU A 57 7.83 -1.57 1.56
N ALA A 58 6.58 -1.27 1.88
CA ALA A 58 5.65 -0.76 0.88
C ALA A 58 6.10 0.58 0.29
N SER A 59 6.46 1.51 1.15
CA SER A 59 6.89 2.85 0.74
C SER A 59 8.08 2.81 -0.23
N THR A 60 9.13 2.08 0.12
CA THR A 60 10.30 2.00 -0.75
C THR A 60 9.92 1.34 -2.10
N PHE A 61 9.00 0.41 -1.95
CA PHE A 61 8.40 -0.44 -2.97
C PHE A 61 7.39 0.25 -3.90
N LEU A 62 6.99 1.47 -3.57
CA LEU A 62 5.85 2.14 -4.22
C LEU A 62 5.70 1.91 -5.73
N PRO A 63 6.75 1.80 -6.59
CA PRO A 63 6.47 1.49 -8.01
C PRO A 63 5.35 0.42 -8.05
N PHE A 64 5.48 -0.47 -7.06
CA PHE A 64 4.57 -1.56 -6.72
C PHE A 64 3.11 -1.11 -6.50
N GLY A 65 2.49 -0.51 -7.52
CA GLY A 65 1.14 0.02 -7.40
C GLY A 65 0.37 -0.41 -6.17
N ASN A 66 -0.82 -0.97 -6.29
CA ASN A 66 -1.63 -1.26 -5.11
C ASN A 66 -0.78 -1.85 -3.98
N VAL A 67 -0.94 -1.26 -2.77
CA VAL A 67 -0.14 -1.66 -1.62
C VAL A 67 -0.95 -2.22 -0.46
N ILE A 68 -0.69 -3.49 -0.14
CA ILE A 68 -1.36 -4.17 0.98
C ILE A 68 -0.28 -4.63 1.99
N SER A 69 0.10 -3.80 2.95
CA SER A 69 1.20 -4.20 3.86
C SER A 69 0.79 -4.61 5.27
N ALA A 70 1.36 -5.74 5.70
CA ALA A 70 1.16 -6.30 7.04
C ALA A 70 2.55 -6.61 7.63
N LYS A 71 2.69 -6.76 8.95
CA LYS A 71 4.02 -7.04 9.54
C LYS A 71 4.02 -8.14 10.61
N VAL A 72 5.14 -8.86 10.71
CA VAL A 72 5.31 -9.95 11.69
C VAL A 72 6.61 -9.78 12.52
N PHE A 73 6.41 -9.39 13.78
CA PHE A 73 7.50 -9.15 14.73
C PHE A 73 7.66 -10.28 15.76
N ILE A 74 8.91 -10.56 16.14
CA ILE A 74 9.20 -11.61 17.12
C ILE A 74 10.10 -11.08 18.25
N ASP A 75 10.23 -11.88 19.32
CA ASP A 75 11.04 -11.53 20.49
C ASP A 75 11.96 -12.71 20.86
N LYS A 76 13.27 -12.46 20.92
CA LYS A 76 14.23 -13.51 21.23
C LYS A 76 13.79 -14.29 22.45
N GLN A 77 13.77 -13.62 23.59
CA GLN A 77 13.32 -14.27 24.80
C GLN A 77 11.88 -13.89 25.09
N THR A 78 11.68 -12.63 25.45
CA THR A 78 10.36 -12.13 25.71
C THR A 78 10.13 -10.81 24.98
N SER A 79 11.21 -10.06 24.79
CA SER A 79 11.07 -8.72 24.22
C SER A 79 11.29 -8.54 22.71
N LEU A 80 12.50 -8.80 22.18
CA LEU A 80 12.72 -8.53 20.76
C LEU A 80 13.80 -9.38 20.07
N SER A 81 13.40 -10.13 19.05
CA SER A 81 14.33 -10.90 18.23
C SER A 81 14.32 -10.36 16.82
N LYS A 82 15.10 -10.97 15.93
CA LYS A 82 15.07 -10.57 14.52
C LYS A 82 13.65 -10.76 14.05
N CYS A 83 13.32 -10.46 12.80
CA CYS A 83 11.90 -10.67 12.38
C CYS A 83 11.65 -10.53 10.88
N PHE A 84 10.39 -10.72 10.49
CA PHE A 84 10.04 -10.65 9.10
C PHE A 84 8.79 -9.82 8.87
N GLY A 85 8.68 -9.34 7.69
CA GLY A 85 7.53 -8.57 7.27
C GLY A 85 6.84 -9.21 6.09
N PHE A 86 5.56 -8.89 5.93
CA PHE A 86 4.80 -9.39 4.81
C PHE A 86 4.40 -8.22 3.96
N VAL A 87 4.75 -8.24 2.71
CA VAL A 87 4.37 -7.15 1.82
C VAL A 87 3.66 -7.74 0.63
N SER A 88 2.40 -7.46 0.52
CA SER A 88 1.59 -7.97 -0.57
C SER A 88 1.43 -6.91 -1.63
N PHE A 89 2.07 -7.16 -2.77
CA PHE A 89 2.06 -6.24 -3.88
C PHE A 89 1.10 -6.66 -5.00
N ASP A 90 0.24 -5.70 -5.37
CA ASP A 90 -0.71 -5.88 -6.45
C ASP A 90 -0.50 -4.79 -7.51
N ASN A 91 0.37 -5.08 -8.45
CA ASN A 91 0.68 -4.16 -9.52
C ASN A 91 1.26 -4.94 -10.69
N PRO A 92 1.22 -4.39 -11.93
CA PRO A 92 1.80 -5.06 -13.08
C PRO A 92 3.17 -5.66 -12.76
N ASP A 93 3.79 -6.34 -13.71
CA ASP A 93 5.09 -6.97 -13.48
C ASP A 93 6.05 -5.97 -12.85
N SER A 94 5.81 -4.67 -13.05
CA SER A 94 6.66 -3.64 -12.47
C SER A 94 6.81 -3.86 -10.96
N ALA A 95 5.72 -4.26 -10.30
CA ALA A 95 5.77 -4.53 -8.87
C ALA A 95 6.67 -5.72 -8.64
N GLN A 96 6.44 -6.76 -9.44
CA GLN A 96 7.24 -7.97 -9.35
C GLN A 96 8.71 -7.59 -9.42
N VAL A 97 9.00 -6.62 -10.26
CA VAL A 97 10.36 -6.11 -10.44
C VAL A 97 10.88 -5.52 -9.13
N ALA A 98 10.03 -4.81 -8.39
CA ALA A 98 10.45 -4.22 -7.13
C ALA A 98 10.85 -5.32 -6.15
N ILE A 99 10.19 -6.47 -6.25
CA ILE A 99 10.45 -7.59 -5.35
C ILE A 99 11.75 -8.36 -5.60
N LYS A 100 11.96 -8.82 -6.83
CA LYS A 100 13.15 -9.63 -7.13
C LYS A 100 14.40 -8.77 -7.15
N ALA A 101 14.26 -7.57 -7.67
CA ALA A 101 15.36 -6.66 -7.80
C ALA A 101 15.78 -6.03 -6.47
N MET A 102 14.90 -6.04 -5.47
CA MET A 102 15.24 -5.38 -4.21
C MET A 102 14.99 -6.16 -2.93
N ASN A 103 15.94 -5.98 -2.02
CA ASN A 103 15.91 -6.49 -0.66
C ASN A 103 15.21 -5.40 0.15
N GLY A 104 14.66 -5.69 1.32
CA GLY A 104 13.93 -4.63 1.99
C GLY A 104 14.40 -4.24 3.37
N PHE A 105 15.46 -4.85 3.92
CA PHE A 105 15.90 -4.34 5.23
C PHE A 105 17.38 -3.97 5.30
N GLN A 106 17.61 -2.65 5.40
CA GLN A 106 18.94 -2.07 5.53
C GLN A 106 19.30 -1.66 6.97
N VAL A 107 20.21 -2.38 7.59
CA VAL A 107 20.73 -2.05 8.93
C VAL A 107 22.24 -2.01 8.84
N GLY A 108 22.96 -1.29 9.72
CA GLY A 108 24.40 -1.26 9.53
C GLY A 108 24.97 -2.63 9.16
N THR A 109 24.38 -3.72 9.68
CA THR A 109 24.74 -5.02 9.14
C THR A 109 23.53 -5.92 9.24
N LYS A 110 22.62 -5.79 8.29
CA LYS A 110 21.44 -6.60 8.22
C LYS A 110 20.80 -6.48 6.87
N ARG A 111 20.74 -7.51 6.06
CA ARG A 111 20.04 -7.37 4.81
C ARG A 111 18.89 -8.35 4.80
N LEU A 112 17.71 -7.87 4.46
CA LEU A 112 16.53 -8.70 4.52
C LEU A 112 16.41 -9.63 3.36
N LYS A 113 15.90 -10.83 3.65
CA LYS A 113 15.75 -11.79 2.58
C LYS A 113 14.44 -11.58 1.86
N VAL A 114 14.51 -11.06 0.64
CA VAL A 114 13.32 -10.83 -0.13
C VAL A 114 12.98 -12.04 -0.98
N GLN A 115 11.95 -12.77 -0.57
CA GLN A 115 11.52 -13.97 -1.28
C GLN A 115 10.26 -13.65 -2.09
N LEU A 116 10.42 -13.47 -3.39
CA LEU A 116 9.30 -13.09 -4.26
C LEU A 116 8.47 -14.28 -4.76
N LYS A 117 7.16 -14.04 -4.90
CA LYS A 117 6.21 -15.04 -5.36
C LYS A 117 5.03 -14.40 -6.10
N LYS A 118 4.86 -14.82 -7.36
CA LYS A 118 3.77 -14.30 -8.19
C LYS A 118 2.60 -15.29 -8.23
N ALA A 1 -22.60 15.91 -20.00
CA ALA A 1 -23.13 14.63 -19.53
C ALA A 1 -23.00 13.56 -20.60
N ALA A 2 -21.79 13.02 -20.74
CA ALA A 2 -21.52 11.98 -21.73
C ALA A 2 -20.94 10.74 -21.08
N GLY A 3 -20.22 10.92 -19.97
CA GLY A 3 -19.63 9.79 -19.27
C GLY A 3 -18.11 9.91 -19.16
N LEU A 4 -17.62 11.15 -19.13
CA LEU A 4 -16.19 11.39 -19.03
C LEU A 4 -15.89 12.40 -17.91
N PRO A 5 -14.80 12.19 -17.16
CA PRO A 5 -14.41 13.07 -16.06
C PRO A 5 -13.36 14.08 -16.45
N GLN A 6 -13.60 15.34 -16.12
CA GLN A 6 -12.63 16.38 -16.42
C GLN A 6 -11.90 16.82 -15.16
N PHE A 7 -10.89 17.67 -15.34
CA PHE A 7 -10.11 18.17 -14.21
C PHE A 7 -10.46 19.62 -13.91
N GLY A 8 -10.88 19.88 -12.67
CA GLY A 8 -11.24 21.22 -12.26
C GLY A 8 -12.66 21.32 -11.77
N SER A 9 -13.52 20.44 -12.27
CA SER A 9 -14.93 20.42 -11.87
C SER A 9 -15.09 19.84 -10.47
N ALA A 10 -15.39 20.70 -9.51
CA ALA A 10 -15.56 20.26 -8.13
C ALA A 10 -17.03 20.35 -7.71
N SER A 11 -17.50 19.34 -6.99
CA SER A 11 -18.88 19.29 -6.53
C SER A 11 -19.04 20.09 -5.23
N ALA A 12 -19.67 21.24 -5.33
CA ALA A 12 -19.90 22.10 -4.17
C ALA A 12 -21.07 21.58 -3.33
N LEU A 13 -20.91 21.63 -2.01
CA LEU A 13 -21.95 21.18 -1.10
C LEU A 13 -22.61 22.35 -0.38
N SER A 14 -23.92 22.48 -0.53
CA SER A 14 -24.66 23.56 0.11
C SER A 14 -25.19 23.13 1.47
N THR A 15 -24.81 23.87 2.51
CA THR A 15 -25.25 23.56 3.87
C THR A 15 -26.77 23.55 3.96
N SER A 16 -27.28 22.98 5.05
CA SER A 16 -28.72 22.90 5.27
C SER A 16 -29.08 23.39 6.67
N PRO A 17 -30.27 23.99 6.82
CA PRO A 17 -30.74 24.51 8.11
C PRO A 17 -30.76 23.42 9.19
N LEU A 18 -30.84 22.17 8.76
CA LEU A 18 -30.86 21.04 9.69
C LEU A 18 -29.48 20.42 9.83
N ALA A 19 -28.45 21.24 9.70
CA ALA A 19 -27.07 20.78 9.80
C ALA A 19 -26.72 20.46 11.26
N SER A 20 -26.80 19.19 11.62
CA SER A 20 -26.49 18.75 12.97
C SER A 20 -25.71 17.44 12.96
N VAL A 21 -24.44 17.51 12.60
CA VAL A 21 -23.59 16.33 12.54
C VAL A 21 -22.25 16.59 13.24
N ALA A 22 -21.83 15.63 14.06
CA ALA A 22 -20.57 15.75 14.78
C ALA A 22 -19.38 15.74 13.83
N LEU A 23 -18.33 16.48 14.19
CA LEU A 23 -17.14 16.56 13.36
C LEU A 23 -16.23 15.36 13.62
N SER A 24 -16.31 14.36 12.75
CA SER A 24 -15.50 13.16 12.87
C SER A 24 -14.68 12.92 11.61
N ALA A 25 -13.50 12.34 11.78
CA ALA A 25 -12.63 12.04 10.64
C ALA A 25 -12.79 10.60 10.18
N ALA A 26 -12.90 10.42 8.87
CA ALA A 26 -13.07 9.08 8.30
C ALA A 26 -11.75 8.57 7.72
N ALA A 27 -11.51 7.27 7.87
CA ALA A 27 -10.29 6.65 7.36
C ALA A 27 -10.59 5.77 6.15
N ALA A 28 -10.26 6.27 4.96
CA ALA A 28 -10.49 5.53 3.73
C ALA A 28 -9.30 4.66 3.38
N ALA A 29 -9.58 3.52 2.76
CA ALA A 29 -8.52 2.59 2.36
C ALA A 29 -7.74 3.11 1.17
N ALA A 30 -6.41 3.14 1.31
CA ALA A 30 -5.54 3.62 0.24
C ALA A 30 -4.44 2.61 -0.07
N ALA A 31 -4.17 2.40 -1.36
CA ALA A 31 -3.15 1.46 -1.78
C ALA A 31 -1.85 2.19 -2.12
N GLY A 32 -0.77 1.84 -1.43
CA GLY A 32 0.52 2.47 -1.65
C GLY A 32 0.83 2.75 -3.12
N LYS A 33 0.42 1.87 -4.01
CA LYS A 33 0.70 2.04 -5.44
C LYS A 33 -0.56 1.92 -6.31
N GLN A 34 -0.33 1.78 -7.62
CA GLN A 34 -1.41 1.68 -8.60
C GLN A 34 -2.49 0.66 -8.22
N ILE A 35 -3.47 0.51 -9.11
CA ILE A 35 -4.59 -0.41 -8.89
C ILE A 35 -4.22 -1.87 -9.21
N GLU A 36 -5.04 -2.80 -8.71
CA GLU A 36 -4.84 -4.23 -8.91
C GLU A 36 -4.53 -4.60 -10.36
N GLY A 37 -3.73 -5.66 -10.53
CA GLY A 37 -3.36 -6.14 -11.86
C GLY A 37 -3.23 -7.65 -11.90
N PRO A 38 -2.67 -8.22 -12.99
CA PRO A 38 -2.48 -9.67 -13.13
C PRO A 38 -1.50 -10.24 -12.10
N GLU A 39 -2.06 -10.84 -11.06
CA GLU A 39 -1.29 -11.43 -9.97
C GLU A 39 -0.31 -12.51 -10.45
N GLY A 40 0.57 -12.95 -9.54
CA GLY A 40 1.56 -13.96 -9.87
C GLY A 40 2.98 -13.57 -9.50
N CYS A 41 3.21 -12.28 -9.33
CA CYS A 41 4.49 -11.73 -8.98
C CYS A 41 4.36 -11.15 -7.58
N ASN A 42 3.55 -11.75 -6.72
CA ASN A 42 3.22 -11.07 -5.45
C ASN A 42 4.05 -11.56 -4.30
N LEU A 43 4.24 -10.68 -3.35
CA LEU A 43 5.06 -10.95 -2.21
C LEU A 43 4.36 -10.60 -0.91
N PHE A 44 4.77 -11.29 0.13
CA PHE A 44 4.28 -11.09 1.46
C PHE A 44 5.49 -10.94 2.32
N ILE A 45 5.65 -9.79 2.92
CA ILE A 45 6.83 -9.55 3.72
C ILE A 45 6.44 -9.19 5.11
N TYR A 46 7.22 -9.53 6.11
CA TYR A 46 6.82 -9.09 7.44
C TYR A 46 8.00 -8.75 8.33
N HIS A 47 8.35 -7.48 8.43
CA HIS A 47 9.32 -7.09 9.43
C HIS A 47 8.92 -5.91 10.33
N LEU A 48 8.28 -4.95 9.68
CA LEU A 48 8.03 -3.65 10.31
C LEU A 48 6.85 -3.42 11.19
N PRO A 49 6.92 -2.29 11.92
CA PRO A 49 5.87 -1.82 12.81
C PRO A 49 4.74 -1.17 12.04
N GLN A 50 3.71 -0.82 12.78
CA GLN A 50 2.53 -0.19 12.21
C GLN A 50 2.84 1.01 11.30
N GLU A 51 4.02 1.63 11.46
CA GLU A 51 4.37 2.82 10.68
C GLU A 51 4.90 2.51 9.29
N PHE A 52 5.30 1.27 9.05
CA PHE A 52 5.83 0.89 7.76
C PHE A 52 4.76 0.95 6.66
N THR A 53 5.11 1.57 5.53
CA THR A 53 4.20 1.66 4.39
C THR A 53 4.67 0.77 3.27
N ASP A 54 3.71 0.27 2.49
CA ASP A 54 4.00 -0.59 1.37
C ASP A 54 4.67 0.16 0.24
N THR A 55 4.41 1.45 0.15
CA THR A 55 4.96 2.24 -0.95
C THR A 55 6.48 2.13 -1.02
N ASP A 56 7.16 1.94 0.10
CA ASP A 56 8.61 1.82 0.07
C ASP A 56 9.08 0.57 -0.67
N LEU A 57 8.47 -0.57 -0.36
CA LEU A 57 8.84 -1.82 -1.01
C LEU A 57 8.55 -1.75 -2.52
N ALA A 58 7.34 -1.31 -2.86
CA ALA A 58 6.92 -1.19 -4.26
C ALA A 58 7.92 -0.36 -5.06
N SER A 59 8.35 0.76 -4.52
CA SER A 59 9.29 1.65 -5.20
C SER A 59 10.64 0.98 -5.43
N THR A 60 11.11 0.23 -4.45
CA THR A 60 12.42 -0.42 -4.56
C THR A 60 12.46 -1.48 -5.70
N PHE A 61 11.54 -2.43 -5.63
CA PHE A 61 11.40 -3.51 -6.63
C PHE A 61 10.73 -3.06 -7.93
N LEU A 62 10.31 -1.80 -7.98
CA LEU A 62 9.45 -1.28 -9.05
C LEU A 62 9.71 -1.83 -10.45
N PRO A 63 10.93 -2.23 -10.92
CA PRO A 63 11.01 -2.84 -12.25
C PRO A 63 9.74 -3.72 -12.41
N PHE A 64 9.30 -4.21 -11.24
CA PHE A 64 8.05 -4.95 -11.00
C PHE A 64 6.82 -4.18 -11.55
N GLY A 65 6.82 -3.92 -12.86
CA GLY A 65 5.79 -3.12 -13.52
C GLY A 65 4.53 -2.86 -12.74
N ASN A 66 3.35 -3.19 -13.27
CA ASN A 66 2.12 -2.80 -12.59
C ASN A 66 2.25 -2.99 -11.09
N VAL A 67 2.39 -1.86 -10.39
CA VAL A 67 2.61 -1.86 -8.95
C VAL A 67 1.36 -1.56 -8.13
N ILE A 68 0.89 -2.57 -7.42
CA ILE A 68 -0.29 -2.43 -6.56
C ILE A 68 0.09 -2.71 -5.12
N SER A 69 0.22 -1.70 -4.26
CA SER A 69 0.64 -1.96 -2.88
C SER A 69 -0.46 -1.79 -1.83
N ALA A 70 -0.27 -2.50 -0.71
CA ALA A 70 -1.18 -2.48 0.45
C ALA A 70 -0.35 -2.65 1.73
N LYS A 71 -0.87 -2.30 2.91
CA LYS A 71 -0.07 -2.45 4.14
C LYS A 71 -0.82 -3.06 5.34
N VAL A 72 -0.06 -3.79 6.18
CA VAL A 72 -0.57 -4.45 7.39
C VAL A 72 0.21 -3.99 8.64
N PHE A 73 -0.38 -3.02 9.34
CA PHE A 73 0.22 -2.44 10.56
C PHE A 73 -0.41 -3.01 11.84
N ILE A 74 0.43 -3.60 12.71
CA ILE A 74 -0.05 -4.17 13.97
C ILE A 74 0.73 -3.67 15.18
N ASP A 75 -0.02 -3.18 16.17
CA ASP A 75 0.51 -2.67 17.44
C ASP A 75 -0.60 -2.78 18.46
N LYS A 76 -0.32 -3.20 19.71
CA LYS A 76 -1.40 -3.33 20.66
C LYS A 76 -2.14 -2.02 20.76
N GLN A 77 -1.54 -1.01 21.37
CA GLN A 77 -2.15 0.30 21.36
C GLN A 77 -1.39 1.23 20.43
N THR A 78 -0.22 1.66 20.89
CA THR A 78 0.68 2.51 20.13
C THR A 78 2.15 2.08 20.29
N SER A 79 2.42 1.31 21.36
CA SER A 79 3.79 0.99 21.73
C SER A 79 4.37 -0.31 21.20
N LEU A 80 3.68 -1.03 20.35
CA LEU A 80 4.24 -2.28 19.86
C LEU A 80 4.62 -2.16 18.39
N SER A 81 5.89 -2.38 18.10
CA SER A 81 6.35 -2.27 16.72
C SER A 81 6.75 -3.63 16.13
N LYS A 82 5.77 -4.28 15.54
CA LYS A 82 5.95 -5.56 14.85
C LYS A 82 4.98 -5.60 13.69
N CYS A 83 5.42 -5.64 12.43
CA CYS A 83 4.37 -5.67 11.37
C CYS A 83 4.86 -6.09 9.99
N PHE A 84 3.89 -6.28 9.10
CA PHE A 84 4.19 -6.73 7.77
C PHE A 84 3.42 -5.95 6.74
N GLY A 85 3.94 -5.98 5.55
CA GLY A 85 3.30 -5.34 4.43
C GLY A 85 2.92 -6.35 3.36
N PHE A 86 1.96 -5.97 2.53
CA PHE A 86 1.53 -6.81 1.42
C PHE A 86 1.85 -6.08 0.15
N VAL A 87 2.36 -6.77 -0.82
CA VAL A 87 2.65 -6.15 -2.08
C VAL A 87 2.20 -7.04 -3.21
N SER A 88 1.77 -6.43 -4.28
CA SER A 88 1.25 -7.17 -5.43
C SER A 88 1.91 -6.72 -6.73
N PHE A 89 2.75 -7.58 -7.28
CA PHE A 89 3.44 -7.30 -8.53
C PHE A 89 2.78 -8.00 -9.71
N ASP A 90 2.49 -7.18 -10.71
CA ASP A 90 1.91 -7.63 -11.95
C ASP A 90 2.80 -7.19 -13.12
N ASN A 91 3.77 -8.03 -13.42
CA ASN A 91 4.71 -7.81 -14.50
C ASN A 91 5.37 -9.13 -14.90
N PRO A 92 6.32 -9.11 -15.85
CA PRO A 92 7.08 -10.29 -16.22
C PRO A 92 7.87 -10.78 -15.02
N ASP A 93 8.60 -11.87 -15.18
CA ASP A 93 9.41 -12.44 -14.11
C ASP A 93 10.28 -11.37 -13.46
N SER A 94 10.53 -10.27 -14.17
CA SER A 94 11.36 -9.20 -13.65
C SER A 94 10.89 -8.80 -12.25
N ALA A 95 9.58 -8.80 -12.02
CA ALA A 95 9.04 -8.50 -10.70
C ALA A 95 9.46 -9.60 -9.74
N GLN A 96 9.38 -10.84 -10.21
CA GLN A 96 9.77 -11.98 -9.38
C GLN A 96 11.21 -11.82 -8.91
N VAL A 97 12.07 -11.41 -9.85
CA VAL A 97 13.47 -11.18 -9.56
C VAL A 97 13.63 -10.13 -8.47
N ALA A 98 12.78 -9.13 -8.49
CA ALA A 98 12.81 -8.07 -7.51
C ALA A 98 12.53 -8.61 -6.11
N ILE A 99 11.64 -9.60 -6.04
CA ILE A 99 11.24 -10.18 -4.75
C ILE A 99 12.27 -11.10 -4.11
N LYS A 100 12.75 -12.11 -4.85
CA LYS A 100 13.69 -13.06 -4.26
C LYS A 100 15.05 -12.43 -4.03
N ALA A 101 15.43 -11.57 -4.94
CA ALA A 101 16.70 -10.91 -4.88
C ALA A 101 16.77 -9.80 -3.83
N MET A 102 15.62 -9.29 -3.38
CA MET A 102 15.66 -8.17 -2.44
C MET A 102 14.76 -8.26 -1.20
N ASN A 103 15.42 -8.15 -0.05
CA ASN A 103 14.79 -8.02 1.26
C ASN A 103 14.06 -6.69 1.18
N GLY A 104 13.10 -6.39 2.04
CA GLY A 104 12.38 -5.15 1.80
C GLY A 104 12.47 -4.11 2.88
N PHE A 105 12.92 -4.42 4.10
CA PHE A 105 13.04 -3.31 5.07
C PHE A 105 14.37 -3.23 5.80
N GLN A 106 15.10 -2.16 5.49
CA GLN A 106 16.38 -1.83 6.09
C GLN A 106 16.27 -0.77 7.21
N VAL A 107 16.48 -1.19 8.44
CA VAL A 107 16.50 -0.29 9.61
C VAL A 107 17.83 -0.50 10.31
N GLY A 108 18.35 0.45 11.09
CA GLY A 108 19.66 0.20 11.69
C GLY A 108 19.80 -1.22 12.22
N THR A 109 18.72 -1.81 12.72
CA THR A 109 18.75 -3.24 12.99
C THR A 109 17.36 -3.78 12.77
N LYS A 110 17.03 -4.05 11.53
CA LYS A 110 15.75 -4.60 11.18
C LYS A 110 15.76 -5.10 9.76
N ARG A 111 15.68 -6.38 9.49
CA ARG A 111 15.63 -6.81 8.11
C ARG A 111 14.30 -7.49 7.86
N LEU A 112 13.63 -7.05 6.80
CA LEU A 112 12.31 -7.55 6.49
C LEU A 112 12.34 -8.90 5.85
N LYS A 113 11.43 -9.78 6.27
CA LYS A 113 11.44 -11.11 5.68
C LYS A 113 10.65 -11.13 4.38
N VAL A 114 11.35 -11.22 3.25
CA VAL A 114 10.70 -11.23 1.96
C VAL A 114 10.40 -12.67 1.52
N GLN A 115 9.12 -13.04 1.60
CA GLN A 115 8.66 -14.37 1.21
C GLN A 115 7.85 -14.22 -0.09
N LEU A 116 8.43 -14.60 -1.22
CA LEU A 116 7.79 -14.40 -2.52
C LEU A 116 6.88 -15.56 -2.99
N LYS A 117 6.01 -15.23 -3.96
CA LYS A 117 5.05 -16.16 -4.55
C LYS A 117 4.76 -15.79 -6.02
N LYS A 118 5.21 -16.69 -6.90
CA LYS A 118 5.05 -16.53 -8.34
C LYS A 118 4.38 -17.77 -8.96
#